data_9GKG
#
_entry.id   9GKG
#
_cell.length_a   78.730
_cell.length_b   80.630
_cell.length_c   191.030
_cell.angle_alpha   90.000
_cell.angle_beta   90.000
_cell.angle_gamma   90.000
#
_symmetry.space_group_name_H-M   'P 21 21 21'
#
loop_
_entity.id
_entity.type
_entity.pdbx_description
1 polymer 'Protein unc-119 homolog A'
2 non-polymer 'squarunkin A'
3 non-polymer 1,2-ETHANEDIOL
4 water water
#
_entity_poly.entity_id   1
_entity_poly.type   'polypeptide(L)'
_entity_poly.pdbx_seq_one_letter_code
;PIGPEDVLGLQRITGDYLCSPEENIYKIDFVRFKIRDMDSGTVLFEIKKPPVSERLPINRRDLDPNAGRFVRYQFTPAFL
RLRQVGATVEFTVGDKPVNNFRMIERHYFRNQLLKSFDFHFGFCIPSSKNTCEHIYDFPPLSEELISEMIRHPYETQSDS
FYFVDDRLVMHNKADYSYSGTP
;
_entity_poly.pdbx_strand_id   D,A,B,C,E,K
#
# COMPACT_ATOMS: atom_id res chain seq x y z
N PRO A 1 -44.26 -29.84 -7.12
CA PRO A 1 -43.80 -28.71 -6.24
C PRO A 1 -42.37 -28.96 -5.76
N ILE A 2 -41.46 -28.03 -6.06
CA ILE A 2 -40.02 -28.28 -5.92
C ILE A 2 -39.51 -27.55 -4.66
N GLY A 3 -38.80 -28.29 -3.80
CA GLY A 3 -38.23 -27.74 -2.59
C GLY A 3 -36.70 -27.85 -2.59
N PRO A 4 -36.01 -27.15 -1.64
CA PRO A 4 -34.55 -27.15 -1.58
C PRO A 4 -33.93 -28.54 -1.65
N GLU A 5 -34.56 -29.51 -0.97
CA GLU A 5 -34.00 -30.84 -0.81
C GLU A 5 -33.97 -31.54 -2.16
N ASP A 6 -34.78 -31.03 -3.12
CA ASP A 6 -34.90 -31.64 -4.44
C ASP A 6 -33.73 -31.23 -5.33
N VAL A 7 -33.03 -30.14 -4.98
CA VAL A 7 -31.95 -29.63 -5.84
C VAL A 7 -30.59 -29.84 -5.14
N LEU A 8 -30.60 -30.01 -3.81
CA LEU A 8 -29.38 -29.94 -3.01
C LEU A 8 -28.50 -31.16 -3.29
N GLY A 9 -29.04 -32.17 -3.96
CA GLY A 9 -28.31 -33.42 -4.23
C GLY A 9 -28.08 -33.66 -5.73
N LEU A 10 -28.43 -32.66 -6.56
CA LEU A 10 -28.35 -32.80 -8.01
C LEU A 10 -26.89 -32.91 -8.44
N GLN A 11 -26.61 -33.84 -9.35
CA GLN A 11 -25.25 -34.14 -9.78
C GLN A 11 -25.05 -33.70 -11.23
N ARG A 12 -26.09 -33.10 -11.83
CA ARG A 12 -25.99 -32.59 -13.19
C ARG A 12 -26.88 -31.37 -13.37
N ILE A 13 -26.54 -30.54 -14.37
CA ILE A 13 -27.35 -29.42 -14.79
C ILE A 13 -28.69 -29.97 -15.29
N THR A 14 -29.78 -29.24 -15.03
CA THR A 14 -31.10 -29.67 -15.47
C THR A 14 -31.21 -29.45 -16.99
N GLY A 15 -32.01 -30.29 -17.65
CA GLY A 15 -32.18 -30.21 -19.10
C GLY A 15 -33.12 -29.06 -19.49
N ASP A 16 -33.91 -28.60 -18.51
CA ASP A 16 -34.87 -27.52 -18.73
C ASP A 16 -35.06 -26.77 -17.41
N TYR A 17 -35.74 -25.62 -17.52
CA TYR A 17 -36.17 -24.86 -16.36
C TYR A 17 -37.17 -25.69 -15.57
N LEU A 18 -37.07 -25.61 -14.23
CA LEU A 18 -37.86 -26.44 -13.34
C LEU A 18 -39.15 -25.70 -12.95
N CYS A 19 -39.26 -24.44 -13.39
CA CYS A 19 -40.42 -23.63 -13.13
C CYS A 19 -40.56 -22.60 -14.24
N SER A 20 -41.78 -22.08 -14.41
CA SER A 20 -42.08 -21.09 -15.43
C SER A 20 -41.94 -19.69 -14.82
N PRO A 21 -41.86 -18.64 -15.67
CA PRO A 21 -41.88 -17.26 -15.18
C PRO A 21 -43.09 -16.94 -14.30
N GLU A 22 -44.22 -17.61 -14.56
CA GLU A 22 -45.49 -17.28 -13.93
C GLU A 22 -45.42 -17.59 -12.43
N GLU A 23 -44.52 -18.51 -12.04
CA GLU A 23 -44.47 -19.00 -10.68
C GLU A 23 -43.79 -17.94 -9.78
N ASN A 24 -43.22 -16.91 -10.41
CA ASN A 24 -42.64 -15.78 -9.69
C ASN A 24 -43.77 -14.83 -9.26
N ILE A 25 -44.64 -15.31 -8.36
CA ILE A 25 -45.83 -14.57 -7.98
C ILE A 25 -45.44 -13.36 -7.12
N TYR A 26 -44.21 -13.35 -6.61
CA TYR A 26 -43.74 -12.30 -5.73
C TYR A 26 -43.10 -11.18 -6.56
N LYS A 27 -43.03 -11.39 -7.89
CA LYS A 27 -42.57 -10.37 -8.83
C LYS A 27 -41.18 -9.90 -8.42
N ILE A 28 -40.31 -10.85 -8.12
CA ILE A 28 -38.91 -10.56 -7.81
C ILE A 28 -38.18 -10.31 -9.13
N ASP A 29 -37.47 -9.18 -9.19
CA ASP A 29 -36.89 -8.70 -10.43
C ASP A 29 -35.51 -8.13 -10.14
N PHE A 30 -34.47 -8.83 -10.61
CA PHE A 30 -33.09 -8.38 -10.44
C PHE A 30 -32.80 -7.23 -11.42
N VAL A 31 -32.27 -6.12 -10.90
CA VAL A 31 -32.10 -4.91 -11.69
C VAL A 31 -30.63 -4.50 -11.68
N ARG A 32 -29.82 -5.14 -10.83
CA ARG A 32 -28.38 -4.91 -10.83
C ARG A 32 -27.67 -6.15 -10.32
N PHE A 33 -26.56 -6.48 -10.96
CA PHE A 33 -25.73 -7.60 -10.57
C PHE A 33 -24.27 -7.25 -10.81
N LYS A 34 -23.44 -7.39 -9.78
CA LYS A 34 -22.03 -7.01 -9.88
C LYS A 34 -21.19 -8.00 -9.09
N ILE A 35 -20.10 -8.47 -9.72
CA ILE A 35 -19.19 -9.46 -9.12
C ILE A 35 -17.81 -8.82 -9.05
N ARG A 36 -17.16 -8.91 -7.89
CA ARG A 36 -15.84 -8.34 -7.70
C ARG A 36 -14.93 -9.35 -7.00
N ASP A 37 -13.63 -9.24 -7.26
CA ASP A 37 -12.62 -10.02 -6.56
C ASP A 37 -12.36 -9.38 -5.19
N MET A 38 -12.53 -10.18 -4.13
CA MET A 38 -12.51 -9.66 -2.77
C MET A 38 -11.07 -9.36 -2.34
N ASP A 39 -10.09 -9.78 -3.14
CA ASP A 39 -8.69 -9.65 -2.78
C ASP A 39 -8.07 -8.44 -3.47
N SER A 40 -8.76 -7.90 -4.48
CA SER A 40 -8.22 -6.78 -5.26
C SER A 40 -9.26 -5.66 -5.40
N GLY A 41 -10.54 -5.99 -5.25
CA GLY A 41 -11.61 -5.02 -5.41
C GLY A 41 -11.94 -4.79 -6.89
N THR A 42 -11.25 -5.52 -7.78
CA THR A 42 -11.49 -5.40 -9.22
C THR A 42 -12.88 -5.92 -9.55
N VAL A 43 -13.62 -5.14 -10.34
CA VAL A 43 -14.96 -5.50 -10.75
C VAL A 43 -14.86 -6.38 -11.98
N LEU A 44 -15.26 -7.65 -11.83
CA LEU A 44 -15.10 -8.65 -12.87
C LEU A 44 -16.24 -8.53 -13.88
N PHE A 45 -17.42 -8.12 -13.39
CA PHE A 45 -18.60 -8.04 -14.23
C PHE A 45 -19.66 -7.19 -13.52
N GLU A 46 -20.41 -6.39 -14.31
CA GLU A 46 -21.51 -5.59 -13.79
C GLU A 46 -22.55 -5.39 -14.88
N ILE A 47 -23.83 -5.46 -14.50
CA ILE A 47 -24.93 -5.11 -15.39
C ILE A 47 -26.00 -4.36 -14.60
N LYS A 48 -26.49 -3.26 -15.17
CA LYS A 48 -27.66 -2.55 -14.67
C LYS A 48 -28.79 -2.66 -15.71
N LYS A 49 -30.01 -2.41 -15.27
CA LYS A 49 -31.13 -2.21 -16.19
C LYS A 49 -31.54 -0.75 -16.14
N GLY A 68 -34.04 -12.85 -19.55
CA GLY A 68 -32.88 -12.78 -18.64
C GLY A 68 -32.84 -14.00 -17.71
N ARG A 69 -33.41 -15.12 -18.16
CA ARG A 69 -33.32 -16.38 -17.44
C ARG A 69 -31.99 -17.07 -17.76
N PHE A 70 -31.37 -16.71 -18.88
CA PHE A 70 -30.11 -17.28 -19.27
C PHE A 70 -29.09 -16.17 -19.46
N VAL A 71 -27.92 -16.34 -18.85
CA VAL A 71 -26.80 -15.44 -19.08
C VAL A 71 -25.58 -16.25 -19.48
N ARG A 72 -24.86 -15.77 -20.48
CA ARG A 72 -23.61 -16.36 -20.91
C ARG A 72 -22.48 -15.41 -20.57
N TYR A 73 -21.51 -15.90 -19.80
CA TYR A 73 -20.43 -15.08 -19.28
C TYR A 73 -19.15 -15.37 -20.05
N GLN A 74 -18.42 -14.30 -20.41
CA GLN A 74 -17.11 -14.40 -21.02
C GLN A 74 -16.08 -13.83 -20.03
N PHE A 75 -15.29 -14.74 -19.43
CA PHE A 75 -14.28 -14.34 -18.48
C PHE A 75 -12.90 -14.70 -19.05
N THR A 76 -11.87 -14.41 -18.24
CA THR A 76 -10.49 -14.69 -18.62
C THR A 76 -9.97 -15.89 -17.84
N PRO A 77 -8.85 -16.50 -18.26
CA PRO A 77 -8.23 -17.58 -17.51
C PRO A 77 -7.97 -17.23 -16.04
N ALA A 78 -7.67 -15.95 -15.78
CA ALA A 78 -7.26 -15.50 -14.44
C ALA A 78 -8.43 -15.64 -13.46
N PHE A 79 -9.65 -15.61 -13.98
CA PHE A 79 -10.85 -15.79 -13.17
C PHE A 79 -10.74 -17.08 -12.37
N LEU A 80 -10.14 -18.12 -12.99
CA LEU A 80 -10.12 -19.45 -12.41
C LEU A 80 -9.11 -19.52 -11.25
N ARG A 81 -8.34 -18.43 -11.05
CA ARG A 81 -7.35 -18.39 -9.97
C ARG A 81 -7.88 -17.59 -8.77
N LEU A 82 -9.09 -17.05 -8.89
CA LEU A 82 -9.71 -16.30 -7.80
C LEU A 82 -10.01 -17.25 -6.65
N ARG A 83 -9.97 -16.73 -5.42
CA ARG A 83 -10.26 -17.52 -4.25
C ARG A 83 -11.61 -17.12 -3.66
N GLN A 84 -11.95 -15.82 -3.71
CA GLN A 84 -13.19 -15.35 -3.10
C GLN A 84 -13.74 -14.15 -3.87
N VAL A 85 -15.00 -14.25 -4.30
CA VAL A 85 -15.64 -13.19 -5.05
C VAL A 85 -16.90 -12.74 -4.32
N GLY A 86 -17.17 -11.44 -4.38
CA GLY A 86 -18.36 -10.88 -3.79
C GLY A 86 -19.34 -10.47 -4.87
N ALA A 87 -20.58 -10.95 -4.74
CA ALA A 87 -21.65 -10.58 -5.65
C ALA A 87 -22.60 -9.63 -4.96
N THR A 88 -22.92 -8.53 -5.64
CA THR A 88 -23.93 -7.58 -5.17
C THR A 88 -25.12 -7.65 -6.11
N VAL A 89 -26.31 -7.80 -5.53
CA VAL A 89 -27.53 -7.93 -6.29
C VAL A 89 -28.53 -6.89 -5.77
N GLU A 90 -29.16 -6.16 -6.71
CA GLU A 90 -30.32 -5.34 -6.38
C GLU A 90 -31.55 -5.94 -7.05
N PHE A 91 -32.67 -5.95 -6.32
CA PHE A 91 -33.89 -6.51 -6.83
C PHE A 91 -35.09 -5.80 -6.23
N THR A 92 -36.14 -5.63 -7.04
CA THR A 92 -37.41 -5.14 -6.57
C THR A 92 -38.30 -6.32 -6.22
N VAL A 93 -39.30 -6.06 -5.38
CA VAL A 93 -40.26 -7.06 -4.97
C VAL A 93 -41.66 -6.46 -5.11
N GLY A 94 -42.64 -7.32 -5.36
CA GLY A 94 -44.03 -6.89 -5.46
C GLY A 94 -44.62 -6.63 -4.07
N ASP A 95 -45.95 -6.71 -3.99
CA ASP A 95 -46.69 -6.20 -2.84
C ASP A 95 -46.93 -7.34 -1.84
N LYS A 96 -46.79 -8.59 -2.30
CA LYS A 96 -46.87 -9.74 -1.42
C LYS A 96 -45.59 -9.84 -0.59
N PRO A 97 -45.71 -10.00 0.76
CA PRO A 97 -44.55 -10.28 1.58
C PRO A 97 -43.71 -11.46 1.08
N VAL A 98 -42.39 -11.32 1.19
CA VAL A 98 -41.46 -12.37 0.81
C VAL A 98 -40.69 -12.81 2.04
N ASN A 99 -40.91 -14.04 2.47
CA ASN A 99 -40.23 -14.60 3.63
C ASN A 99 -39.36 -15.77 3.19
N ASN A 100 -38.17 -15.89 3.81
CA ASN A 100 -37.28 -17.03 3.62
C ASN A 100 -36.87 -17.11 2.14
N PHE A 101 -36.41 -15.97 1.60
CA PHE A 101 -35.91 -15.91 0.24
C PHE A 101 -34.50 -16.51 0.22
N ARG A 102 -34.31 -17.54 -0.62
CA ARG A 102 -33.14 -18.40 -0.54
C ARG A 102 -32.72 -18.81 -1.96
N MET A 103 -31.40 -18.74 -2.23
CA MET A 103 -30.88 -19.14 -3.52
C MET A 103 -29.89 -20.30 -3.34
N ILE A 104 -30.11 -21.38 -4.10
CA ILE A 104 -29.16 -22.47 -4.20
C ILE A 104 -28.64 -22.52 -5.62
N GLU A 105 -27.33 -22.36 -5.76
CA GLU A 105 -26.71 -22.19 -7.05
C GLU A 105 -25.61 -23.22 -7.22
N ARG A 106 -25.76 -24.07 -8.25
CA ARG A 106 -24.91 -25.22 -8.45
C ARG A 106 -24.13 -25.06 -9.76
N HIS A 107 -22.80 -25.12 -9.66
CA HIS A 107 -21.92 -24.98 -10.81
C HIS A 107 -21.35 -26.36 -11.19
N TYR A 108 -21.37 -26.68 -12.48
CA TYR A 108 -20.91 -27.97 -12.98
C TYR A 108 -19.95 -27.75 -14.16
N PHE A 109 -18.90 -28.59 -14.26
CA PHE A 109 -18.11 -28.69 -15.48
C PHE A 109 -18.32 -30.07 -16.11
N ARG A 110 -18.86 -30.07 -17.33
CA ARG A 110 -19.16 -31.32 -18.04
C ARG A 110 -19.92 -32.27 -17.12
N ASN A 111 -20.87 -31.72 -16.36
CA ASN A 111 -21.79 -32.50 -15.53
C ASN A 111 -21.01 -33.20 -14.40
N GLN A 112 -19.89 -32.61 -14.00
CA GLN A 112 -19.32 -32.86 -12.68
C GLN A 112 -19.54 -31.62 -11.81
N LEU A 113 -20.13 -31.83 -10.62
CA LEU A 113 -20.36 -30.73 -9.69
C LEU A 113 -19.03 -30.12 -9.28
N LEU A 114 -18.91 -28.79 -9.44
CA LEU A 114 -17.76 -28.05 -8.95
C LEU A 114 -18.05 -27.56 -7.54
N LYS A 115 -19.19 -26.86 -7.37
CA LYS A 115 -19.57 -26.35 -6.06
C LYS A 115 -21.04 -25.92 -6.07
N SER A 116 -21.68 -26.07 -4.90
CA SER A 116 -23.02 -25.58 -4.66
C SER A 116 -22.98 -24.52 -3.57
N PHE A 117 -23.67 -23.39 -3.81
CA PHE A 117 -23.73 -22.30 -2.86
C PHE A 117 -25.17 -22.12 -2.38
N ASP A 118 -25.33 -21.90 -1.08
CA ASP A 118 -26.63 -21.81 -0.43
C ASP A 118 -26.70 -20.51 0.35
N PHE A 119 -27.40 -19.51 -0.22
CA PHE A 119 -27.46 -18.18 0.35
C PHE A 119 -28.89 -17.89 0.82
N HIS A 120 -29.03 -17.40 2.05
CA HIS A 120 -30.29 -16.90 2.56
C HIS A 120 -30.24 -15.39 2.54
N PHE A 121 -31.20 -14.78 1.83
CA PHE A 121 -31.32 -13.33 1.79
C PHE A 121 -31.77 -12.85 3.17
N GLY A 122 -31.42 -11.62 3.50
CA GLY A 122 -31.98 -10.93 4.65
C GLY A 122 -33.44 -10.57 4.41
N PHE A 123 -33.98 -9.71 5.27
CA PHE A 123 -35.39 -9.37 5.23
C PHE A 123 -35.67 -8.53 3.98
N CYS A 124 -36.70 -8.92 3.23
CA CYS A 124 -37.07 -8.25 1.99
C CYS A 124 -38.28 -7.33 2.21
N ILE A 125 -38.08 -6.05 1.95
CA ILE A 125 -39.15 -5.06 2.06
C ILE A 125 -40.04 -5.17 0.82
N PRO A 126 -41.36 -5.44 0.99
CA PRO A 126 -42.30 -5.41 -0.15
C PRO A 126 -42.29 -4.07 -0.89
N SER A 127 -42.62 -4.13 -2.20
CA SER A 127 -42.93 -2.94 -2.98
C SER A 127 -41.76 -1.97 -2.96
N SER A 128 -40.52 -2.50 -2.96
CA SER A 128 -39.33 -1.66 -2.86
C SER A 128 -38.10 -2.36 -3.44
N LYS A 129 -37.02 -1.59 -3.58
CA LYS A 129 -35.74 -2.10 -4.04
C LYS A 129 -34.96 -2.64 -2.85
N ASN A 130 -34.45 -3.89 -2.98
CA ASN A 130 -33.64 -4.51 -1.94
C ASN A 130 -32.20 -4.71 -2.46
N THR A 131 -31.26 -4.85 -1.53
N THR A 131 -31.26 -4.85 -1.51
CA THR A 131 -29.86 -5.11 -1.85
CA THR A 131 -29.86 -5.10 -1.84
C THR A 131 -29.36 -6.28 -1.01
C THR A 131 -29.37 -6.29 -1.01
N CYS A 132 -28.50 -7.11 -1.62
CA CYS A 132 -27.85 -8.21 -0.93
C CYS A 132 -26.42 -8.40 -1.43
N GLU A 133 -25.52 -8.85 -0.54
CA GLU A 133 -24.21 -9.33 -0.96
C GLU A 133 -24.04 -10.81 -0.61
N HIS A 134 -23.70 -11.62 -1.64
CA HIS A 134 -23.34 -13.03 -1.48
C HIS A 134 -21.82 -13.22 -1.67
N ILE A 135 -21.20 -13.97 -0.75
CA ILE A 135 -19.79 -14.29 -0.82
C ILE A 135 -19.63 -15.71 -1.35
N TYR A 136 -18.96 -15.85 -2.48
CA TYR A 136 -18.58 -17.15 -3.01
C TYR A 136 -17.14 -17.44 -2.63
N ASP A 137 -16.91 -18.54 -1.89
CA ASP A 137 -15.58 -19.12 -1.74
C ASP A 137 -15.36 -20.17 -2.82
N PHE A 138 -14.36 -19.94 -3.66
CA PHE A 138 -14.07 -20.81 -4.79
C PHE A 138 -13.61 -22.16 -4.26
N PRO A 139 -14.03 -23.27 -4.91
CA PRO A 139 -13.41 -24.55 -4.65
C PRO A 139 -11.98 -24.60 -5.16
N PRO A 140 -11.09 -25.40 -4.57
CA PRO A 140 -9.79 -25.68 -5.18
C PRO A 140 -9.93 -26.32 -6.55
N LEU A 141 -9.22 -25.76 -7.54
CA LEU A 141 -9.24 -26.29 -8.89
C LEU A 141 -7.85 -26.80 -9.22
N SER A 142 -7.78 -28.07 -9.63
CA SER A 142 -6.53 -28.66 -10.09
C SER A 142 -6.09 -27.95 -11.36
N GLU A 143 -4.79 -28.04 -11.65
CA GLU A 143 -4.22 -27.47 -12.86
C GLU A 143 -4.88 -28.10 -14.09
N GLU A 144 -5.16 -29.41 -14.00
CA GLU A 144 -5.77 -30.17 -15.08
C GLU A 144 -7.16 -29.59 -15.37
N LEU A 145 -7.92 -29.31 -14.31
CA LEU A 145 -9.28 -28.84 -14.44
C LEU A 145 -9.30 -27.43 -15.01
N ILE A 146 -8.40 -26.58 -14.52
CA ILE A 146 -8.29 -25.22 -15.00
C ILE A 146 -8.04 -25.25 -16.50
N SER A 147 -7.08 -26.08 -16.92
CA SER A 147 -6.71 -26.19 -18.32
CA SER A 147 -6.70 -26.18 -18.32
C SER A 147 -7.91 -26.61 -19.15
N GLU A 148 -8.67 -27.59 -18.65
CA GLU A 148 -9.80 -28.14 -19.37
C GLU A 148 -10.90 -27.09 -19.46
N MET A 149 -11.10 -26.32 -18.40
CA MET A 149 -12.18 -25.35 -18.35
C MET A 149 -11.91 -24.22 -19.34
N ILE A 150 -10.64 -23.84 -19.46
CA ILE A 150 -10.21 -22.84 -20.43
C ILE A 150 -10.47 -23.37 -21.85
N ARG A 151 -10.19 -24.66 -22.04
CA ARG A 151 -10.19 -25.26 -23.37
C ARG A 151 -11.63 -25.54 -23.83
N HIS A 152 -12.57 -25.58 -22.88
CA HIS A 152 -13.92 -26.05 -23.16
C HIS A 152 -14.94 -24.98 -22.77
N PRO A 153 -15.00 -23.85 -23.50
CA PRO A 153 -15.94 -22.79 -23.17
C PRO A 153 -17.39 -23.27 -23.17
N TYR A 154 -18.16 -22.77 -22.19
CA TYR A 154 -19.61 -22.93 -22.15
C TYR A 154 -19.98 -24.34 -21.67
N GLU A 155 -18.99 -25.15 -21.28
CA GLU A 155 -19.25 -26.46 -20.72
C GLU A 155 -19.19 -26.39 -19.18
N THR A 156 -18.74 -25.25 -18.66
CA THR A 156 -19.04 -24.86 -17.29
C THR A 156 -20.42 -24.19 -17.27
N GLN A 157 -21.32 -24.72 -16.43
CA GLN A 157 -22.73 -24.30 -16.44
C GLN A 157 -23.23 -24.23 -14.99
N SER A 158 -24.21 -23.34 -14.75
CA SER A 158 -24.80 -23.20 -13.42
C SER A 158 -26.32 -23.16 -13.51
N ASP A 159 -26.97 -23.74 -12.49
CA ASP A 159 -28.38 -23.54 -12.21
C ASP A 159 -28.52 -22.69 -10.94
N SER A 160 -29.32 -21.63 -11.03
CA SER A 160 -29.66 -20.82 -9.87
C SER A 160 -31.12 -21.06 -9.50
N PHE A 161 -31.34 -21.73 -8.36
CA PHE A 161 -32.68 -22.03 -7.88
C PHE A 161 -33.06 -21.06 -6.76
N TYR A 162 -34.21 -20.38 -6.91
CA TYR A 162 -34.66 -19.38 -5.95
C TYR A 162 -35.94 -19.86 -5.28
N PHE A 163 -35.92 -19.87 -3.93
CA PHE A 163 -37.03 -20.37 -3.16
C PHE A 163 -37.61 -19.25 -2.30
N VAL A 164 -38.94 -19.28 -2.14
CA VAL A 164 -39.63 -18.52 -1.11
C VAL A 164 -40.50 -19.49 -0.30
N ASP A 165 -40.33 -19.47 1.02
CA ASP A 165 -40.99 -20.42 1.90
C ASP A 165 -40.86 -21.84 1.37
N ASP A 166 -39.63 -22.19 0.94
CA ASP A 166 -39.28 -23.56 0.60
C ASP A 166 -39.93 -23.98 -0.72
N ARG A 167 -40.45 -22.99 -1.49
CA ARG A 167 -41.08 -23.29 -2.76
C ARG A 167 -40.32 -22.57 -3.88
N LEU A 168 -39.99 -23.33 -4.93
CA LEU A 168 -39.25 -22.81 -6.08
C LEU A 168 -40.11 -21.79 -6.82
N VAL A 169 -39.55 -20.59 -7.05
CA VAL A 169 -40.33 -19.49 -7.65
C VAL A 169 -39.55 -18.88 -8.82
N MET A 170 -38.23 -19.09 -8.88
CA MET A 170 -37.44 -18.71 -10.04
C MET A 170 -36.33 -19.73 -10.27
N HIS A 171 -35.92 -19.85 -11.55
CA HIS A 171 -34.82 -20.70 -11.94
C HIS A 171 -34.10 -20.06 -13.10
N ASN A 172 -32.84 -19.67 -12.86
CA ASN A 172 -32.00 -19.04 -13.87
C ASN A 172 -30.84 -19.96 -14.21
N LYS A 173 -30.37 -19.85 -15.44
CA LYS A 173 -29.28 -20.67 -15.93
C LYS A 173 -28.19 -19.76 -16.46
N ALA A 174 -26.97 -20.31 -16.52
CA ALA A 174 -25.84 -19.59 -17.07
C ALA A 174 -24.81 -20.59 -17.57
N ASP A 175 -23.93 -20.13 -18.49
CA ASP A 175 -22.71 -20.86 -18.79
C ASP A 175 -21.56 -19.87 -18.95
N TYR A 176 -20.34 -20.41 -19.00
CA TYR A 176 -19.15 -19.64 -18.71
C TYR A 176 -18.04 -20.03 -19.70
N SER A 177 -17.42 -19.01 -20.30
CA SER A 177 -16.17 -19.16 -21.00
C SER A 177 -15.04 -18.53 -20.19
N TYR A 178 -13.86 -19.16 -20.22
CA TYR A 178 -12.68 -18.59 -19.57
C TYR A 178 -11.57 -18.39 -20.60
N SER A 179 -11.98 -18.16 -21.86
CA SER A 179 -11.05 -18.16 -22.98
C SER A 179 -10.54 -16.73 -23.26
N GLY A 180 -11.46 -15.76 -23.20
CA GLY A 180 -11.18 -14.41 -23.70
C GLY A 180 -10.11 -13.73 -22.86
N PRO B 1 4.06 -27.30 -6.82
CA PRO B 1 4.47 -26.44 -5.66
C PRO B 1 5.85 -26.83 -5.16
N ILE B 2 6.82 -25.94 -5.36
CA ILE B 2 8.23 -26.24 -5.14
C ILE B 2 8.69 -25.53 -3.87
N GLY B 3 9.39 -26.27 -3.00
CA GLY B 3 9.97 -25.70 -1.80
C GLY B 3 11.50 -25.81 -1.80
N PRO B 4 12.19 -25.12 -0.86
CA PRO B 4 13.65 -25.13 -0.81
C PRO B 4 14.26 -26.54 -0.87
N GLU B 5 13.61 -27.48 -0.18
N GLU B 5 13.63 -27.49 -0.19
CA GLU B 5 14.16 -28.82 -0.03
CA GLU B 5 14.24 -28.80 -0.05
C GLU B 5 14.20 -29.53 -1.39
C GLU B 5 14.22 -29.52 -1.40
N ASP B 6 13.40 -29.01 -2.34
CA ASP B 6 13.28 -29.61 -3.67
C ASP B 6 14.48 -29.21 -4.54
N VAL B 7 15.18 -28.12 -4.18
CA VAL B 7 16.26 -27.61 -5.02
C VAL B 7 17.61 -27.80 -4.32
N LEU B 8 17.59 -27.98 -2.99
CA LEU B 8 18.82 -27.84 -2.19
C LEU B 8 19.75 -29.04 -2.43
N GLY B 9 19.23 -30.08 -3.08
CA GLY B 9 20.00 -31.30 -3.33
C GLY B 9 20.24 -31.56 -4.82
N LEU B 10 19.84 -30.59 -5.67
CA LEU B 10 19.94 -30.76 -7.11
C LEU B 10 21.40 -30.84 -7.53
N GLN B 11 21.69 -31.80 -8.43
CA GLN B 11 23.05 -32.08 -8.85
C GLN B 11 23.24 -31.68 -10.32
N ARG B 12 22.19 -31.11 -10.92
CA ARG B 12 22.26 -30.65 -12.30
C ARG B 12 21.34 -29.44 -12.49
N ILE B 13 21.66 -28.65 -13.51
CA ILE B 13 20.79 -27.58 -13.99
C ILE B 13 19.45 -28.19 -14.42
N THR B 14 18.35 -27.48 -14.16
CA THR B 14 17.03 -27.98 -14.51
C THR B 14 16.83 -27.86 -16.02
N GLY B 15 16.00 -28.78 -16.57
CA GLY B 15 15.76 -28.84 -18.00
C GLY B 15 14.74 -27.77 -18.42
N ASP B 16 14.03 -27.19 -17.44
CA ASP B 16 13.03 -26.17 -17.70
C ASP B 16 12.90 -25.28 -16.46
N TYR B 17 12.21 -24.15 -16.63
CA TYR B 17 11.83 -23.32 -15.50
C TYR B 17 10.86 -24.09 -14.61
N LEU B 18 10.99 -23.92 -13.29
CA LEU B 18 10.25 -24.71 -12.32
C LEU B 18 8.97 -23.99 -11.92
N CYS B 19 8.81 -22.76 -12.43
CA CYS B 19 7.62 -21.97 -12.18
C CYS B 19 7.40 -21.01 -13.34
N SER B 20 6.18 -20.49 -13.47
CA SER B 20 5.86 -19.54 -14.51
C SER B 20 5.99 -18.13 -13.98
N PRO B 21 6.06 -17.10 -14.87
CA PRO B 21 6.05 -15.70 -14.42
C PRO B 21 4.87 -15.35 -13.53
N GLU B 22 3.74 -16.02 -13.73
CA GLU B 22 2.47 -15.66 -13.09
C GLU B 22 2.56 -15.92 -11.59
N GLU B 23 3.48 -16.81 -11.19
CA GLU B 23 3.56 -17.25 -9.80
C GLU B 23 4.26 -16.17 -8.96
N ASN B 24 4.81 -15.14 -9.64
CA ASN B 24 5.38 -13.99 -8.97
C ASN B 24 4.25 -13.04 -8.53
N ILE B 25 3.41 -13.51 -7.59
CA ILE B 25 2.22 -12.78 -7.18
C ILE B 25 2.63 -11.55 -6.36
N TYR B 26 3.88 -11.54 -5.89
CA TYR B 26 4.36 -10.44 -5.05
C TYR B 26 4.95 -9.34 -5.92
N LYS B 27 5.00 -9.59 -7.23
CA LYS B 27 5.42 -8.58 -8.22
C LYS B 27 6.82 -8.07 -7.86
N ILE B 28 7.71 -9.01 -7.53
CA ILE B 28 9.11 -8.70 -7.28
C ILE B 28 9.81 -8.48 -8.62
N ASP B 29 10.51 -7.36 -8.74
CA ASP B 29 11.12 -6.96 -9.99
C ASP B 29 12.50 -6.36 -9.71
N PHE B 30 13.54 -7.08 -10.13
CA PHE B 30 14.92 -6.63 -9.97
C PHE B 30 15.21 -5.53 -10.99
N VAL B 31 15.74 -4.40 -10.50
CA VAL B 31 15.92 -3.23 -11.36
C VAL B 31 17.40 -2.83 -11.36
N ARG B 32 18.20 -3.41 -10.48
CA ARG B 32 19.64 -3.12 -10.47
C ARG B 32 20.42 -4.27 -9.85
N PHE B 33 21.57 -4.58 -10.43
CA PHE B 33 22.49 -5.58 -9.91
C PHE B 33 23.92 -5.09 -10.12
N LYS B 34 24.71 -5.12 -9.04
CA LYS B 34 26.10 -4.71 -9.08
C LYS B 34 26.94 -5.64 -8.24
N ILE B 35 28.07 -6.10 -8.80
CA ILE B 35 29.04 -6.89 -8.05
C ILE B 35 30.37 -6.18 -8.04
N ARG B 36 30.99 -6.15 -6.85
CA ARG B 36 32.31 -5.58 -6.71
C ARG B 36 33.23 -6.58 -5.98
N ASP B 37 34.51 -6.49 -6.31
CA ASP B 37 35.53 -7.30 -5.68
C ASP B 37 35.95 -6.63 -4.38
N MET B 38 35.82 -7.37 -3.27
CA MET B 38 35.98 -6.77 -1.95
C MET B 38 37.47 -6.56 -1.64
N ASP B 39 38.35 -7.10 -2.50
CA ASP B 39 39.79 -7.03 -2.27
C ASP B 39 40.41 -5.90 -3.09
N SER B 40 39.67 -5.35 -4.05
CA SER B 40 40.21 -4.31 -4.92
C SER B 40 39.25 -3.11 -5.01
N GLY B 41 37.95 -3.35 -4.71
CA GLY B 41 36.93 -2.32 -4.85
C GLY B 41 36.52 -2.11 -6.31
N THR B 42 37.08 -2.91 -7.22
CA THR B 42 36.72 -2.85 -8.63
C THR B 42 35.27 -3.30 -8.79
N VAL B 43 34.51 -2.54 -9.58
CA VAL B 43 33.18 -2.93 -9.99
C VAL B 43 33.29 -3.89 -11.15
N LEU B 44 32.91 -5.16 -10.91
CA LEU B 44 33.10 -6.22 -11.87
C LEU B 44 31.96 -6.19 -12.90
N PHE B 45 30.78 -5.76 -12.45
CA PHE B 45 29.61 -5.77 -13.29
C PHE B 45 28.53 -4.89 -12.65
N GLU B 46 27.80 -4.15 -13.49
CA GLU B 46 26.65 -3.38 -13.05
C GLU B 46 25.65 -3.27 -14.21
N ILE B 47 24.36 -3.45 -13.89
CA ILE B 47 23.30 -3.37 -14.89
C ILE B 47 22.07 -2.75 -14.25
N LYS B 48 21.43 -1.82 -14.99
CA LYS B 48 20.12 -1.32 -14.65
C LYS B 48 19.08 -1.83 -15.65
N LYS B 49 17.82 -1.84 -15.25
CA LYS B 49 16.72 -2.10 -16.15
C LYS B 49 16.21 -0.76 -16.69
N PRO B 50 15.84 -0.68 -17.98
CA PRO B 50 14.93 0.36 -18.44
C PRO B 50 13.50 0.16 -17.94
N ASP B 64 12.39 -14.50 -25.94
CA ASP B 64 10.94 -14.15 -25.85
C ASP B 64 10.26 -15.06 -24.81
N PRO B 65 10.25 -16.40 -24.99
CA PRO B 65 9.60 -17.28 -24.03
C PRO B 65 10.41 -17.48 -22.74
N ASN B 66 11.72 -17.19 -22.82
CA ASN B 66 12.53 -16.99 -21.63
C ASN B 66 11.98 -15.79 -20.86
N ALA B 67 11.52 -14.77 -21.60
CA ALA B 67 10.83 -13.63 -21.03
C ALA B 67 11.72 -12.94 -20.00
N GLY B 68 13.02 -12.78 -20.33
CA GLY B 68 13.91 -11.96 -19.54
C GLY B 68 14.55 -12.71 -18.36
N ARG B 69 14.26 -14.02 -18.24
CA ARG B 69 14.67 -14.77 -17.07
C ARG B 69 15.95 -15.57 -17.37
N PHE B 70 16.52 -15.38 -18.58
CA PHE B 70 17.82 -15.91 -18.90
C PHE B 70 18.80 -14.76 -19.14
N VAL B 71 19.97 -14.85 -18.51
CA VAL B 71 21.01 -13.83 -18.62
C VAL B 71 22.34 -14.51 -18.95
N ARG B 72 23.13 -13.88 -19.80
CA ARG B 72 24.43 -14.39 -20.19
C ARG B 72 25.51 -13.39 -19.76
N TYR B 73 26.49 -13.87 -18.98
CA TYR B 73 27.52 -13.01 -18.43
C TYR B 73 28.85 -13.25 -19.14
N GLN B 74 29.56 -12.16 -19.43
CA GLN B 74 30.91 -12.23 -19.99
C GLN B 74 31.90 -11.66 -18.96
N PHE B 75 32.69 -12.54 -18.33
CA PHE B 75 33.68 -12.13 -17.34
C PHE B 75 35.08 -12.47 -17.84
N THR B 76 36.08 -12.20 -17.00
CA THR B 76 37.48 -12.45 -17.33
C THR B 76 37.98 -13.64 -16.52
N PRO B 77 39.13 -14.24 -16.91
CA PRO B 77 39.74 -15.31 -16.13
C PRO B 77 39.95 -14.97 -14.65
N ALA B 78 40.21 -13.68 -14.38
CA ALA B 78 40.57 -13.23 -13.03
C ALA B 78 39.38 -13.38 -12.10
N PHE B 79 38.17 -13.38 -12.66
CA PHE B 79 36.95 -13.56 -11.89
C PHE B 79 37.05 -14.86 -11.08
N LEU B 80 37.68 -15.87 -11.68
CA LEU B 80 37.70 -17.21 -11.09
C LEU B 80 38.67 -17.27 -9.91
N ARG B 81 39.44 -16.18 -9.71
CA ARG B 81 40.43 -16.13 -8.63
C ARG B 81 39.94 -15.25 -7.49
N LEU B 82 38.67 -14.78 -7.57
CA LEU B 82 38.12 -13.91 -6.56
C LEU B 82 38.00 -14.66 -5.24
N ARG B 83 38.13 -13.92 -4.13
CA ARG B 83 37.96 -14.51 -2.81
C ARG B 83 36.57 -14.15 -2.30
N GLN B 84 36.17 -12.90 -2.45
CA GLN B 84 34.97 -12.39 -1.81
C GLN B 84 34.41 -11.23 -2.62
N VAL B 85 33.11 -11.31 -2.94
CA VAL B 85 32.47 -10.28 -3.74
C VAL B 85 31.30 -9.73 -2.96
N GLY B 86 31.06 -8.42 -3.12
CA GLY B 86 29.87 -7.78 -2.59
C GLY B 86 28.85 -7.55 -3.71
N ALA B 87 27.64 -8.04 -3.48
CA ALA B 87 26.56 -7.91 -4.44
C ALA B 87 25.54 -6.94 -3.90
N THR B 88 25.15 -5.97 -4.75
CA THR B 88 24.06 -5.06 -4.45
C THR B 88 22.92 -5.34 -5.42
N VAL B 89 21.72 -5.53 -4.88
CA VAL B 89 20.53 -5.76 -5.67
C VAL B 89 19.46 -4.74 -5.27
N GLU B 90 18.83 -4.13 -6.27
CA GLU B 90 17.65 -3.31 -6.04
C GLU B 90 16.45 -3.99 -6.68
N PHE B 91 15.31 -3.97 -5.98
CA PHE B 91 14.10 -4.57 -6.48
C PHE B 91 12.88 -3.84 -5.91
N THR B 92 11.85 -3.71 -6.73
CA THR B 92 10.55 -3.22 -6.28
C THR B 92 9.69 -4.41 -5.87
N VAL B 93 8.71 -4.14 -5.03
N VAL B 93 8.69 -4.13 -5.04
CA VAL B 93 7.76 -5.15 -4.59
CA VAL B 93 7.76 -5.13 -4.55
C VAL B 93 6.36 -4.55 -4.68
C VAL B 93 6.35 -4.54 -4.68
N GLY B 94 5.37 -5.41 -4.89
CA GLY B 94 3.98 -5.00 -4.96
C GLY B 94 3.42 -4.72 -3.57
N ASP B 95 2.08 -4.82 -3.46
CA ASP B 95 1.36 -4.27 -2.33
C ASP B 95 1.16 -5.34 -1.25
N LYS B 96 1.36 -6.62 -1.62
CA LYS B 96 1.33 -7.70 -0.66
C LYS B 96 2.64 -7.71 0.15
N PRO B 97 2.56 -7.81 1.49
CA PRO B 97 3.75 -8.10 2.30
C PRO B 97 4.53 -9.30 1.79
N VAL B 98 5.86 -9.18 1.86
CA VAL B 98 6.76 -10.25 1.48
C VAL B 98 7.56 -10.66 2.71
N ASN B 99 7.33 -11.88 3.19
CA ASN B 99 8.06 -12.41 4.35
C ASN B 99 8.91 -13.59 3.90
N ASN B 100 10.13 -13.70 4.48
CA ASN B 100 10.97 -14.89 4.30
C ASN B 100 11.37 -14.98 2.81
N PHE B 101 11.80 -13.86 2.24
CA PHE B 101 12.29 -13.82 0.87
C PHE B 101 13.71 -14.40 0.85
N ARG B 102 13.89 -15.45 0.05
CA ARG B 102 15.08 -16.30 0.12
C ARG B 102 15.47 -16.72 -1.29
N MET B 103 16.78 -16.62 -1.59
CA MET B 103 17.29 -17.04 -2.89
C MET B 103 18.28 -18.18 -2.70
N ILE B 104 18.07 -19.26 -3.44
CA ILE B 104 19.02 -20.34 -3.54
C ILE B 104 19.53 -20.40 -4.98
N GLU B 105 20.83 -20.19 -5.16
CA GLU B 105 21.42 -20.06 -6.48
C GLU B 105 22.53 -21.08 -6.63
N ARG B 106 22.37 -21.98 -7.61
CA ARG B 106 23.25 -23.13 -7.76
C ARG B 106 24.01 -23.02 -9.07
N HIS B 107 25.34 -23.06 -8.98
CA HIS B 107 26.23 -22.96 -10.13
C HIS B 107 26.81 -24.33 -10.44
N TYR B 108 26.80 -24.69 -11.73
CA TYR B 108 27.30 -25.97 -12.20
C TYR B 108 28.27 -25.72 -13.37
N PHE B 109 29.36 -26.50 -13.41
CA PHE B 109 30.18 -26.57 -14.61
C PHE B 109 30.03 -27.97 -15.24
N ARG B 110 29.50 -27.99 -16.48
CA ARG B 110 29.21 -29.23 -17.18
C ARG B 110 28.45 -30.17 -16.24
N ASN B 111 27.48 -29.61 -15.52
CA ASN B 111 26.56 -30.39 -14.70
C ASN B 111 27.29 -31.05 -13.53
N GLN B 112 28.42 -30.46 -13.11
CA GLN B 112 28.98 -30.72 -11.80
C GLN B 112 28.79 -29.49 -10.91
N LEU B 113 28.20 -29.69 -9.73
CA LEU B 113 27.91 -28.59 -8.81
C LEU B 113 29.22 -27.94 -8.38
N LEU B 114 29.31 -26.61 -8.56
CA LEU B 114 30.43 -25.82 -8.08
C LEU B 114 30.12 -25.29 -6.69
N LYS B 115 28.97 -24.64 -6.57
CA LYS B 115 28.59 -23.98 -5.35
C LYS B 115 27.11 -23.64 -5.37
N SER B 116 26.49 -23.74 -4.20
CA SER B 116 25.15 -23.26 -3.97
C SER B 116 25.19 -22.11 -2.96
N PHE B 117 24.53 -21.01 -3.28
CA PHE B 117 24.45 -19.87 -2.38
C PHE B 117 23.03 -19.77 -1.85
N ASP B 118 22.93 -19.55 -0.55
CA ASP B 118 21.65 -19.52 0.15
C ASP B 118 21.57 -18.19 0.92
N PHE B 119 20.83 -17.23 0.35
N PHE B 119 20.83 -17.24 0.34
CA PHE B 119 20.75 -15.90 0.89
CA PHE B 119 20.75 -15.89 0.89
C PHE B 119 19.32 -15.64 1.36
C PHE B 119 19.32 -15.62 1.36
N HIS B 120 19.20 -15.12 2.59
CA HIS B 120 17.95 -14.63 3.11
C HIS B 120 17.97 -13.12 3.04
N PHE B 121 16.99 -12.54 2.35
CA PHE B 121 16.84 -11.10 2.28
C PHE B 121 16.44 -10.59 3.67
N GLY B 122 16.78 -9.34 3.95
CA GLY B 122 16.23 -8.63 5.08
C GLY B 122 14.75 -8.30 4.85
N PHE B 123 14.23 -7.39 5.66
CA PHE B 123 12.82 -7.05 5.62
C PHE B 123 12.52 -6.30 4.33
N CYS B 124 11.47 -6.71 3.63
CA CYS B 124 11.07 -6.10 2.36
C CYS B 124 9.85 -5.18 2.58
N ILE B 125 10.03 -3.91 2.26
CA ILE B 125 8.97 -2.91 2.38
C ILE B 125 8.03 -3.06 1.18
N PRO B 126 6.73 -3.31 1.40
CA PRO B 126 5.76 -3.34 0.30
C PRO B 126 5.71 -2.03 -0.49
N SER B 127 5.36 -2.14 -1.79
CA SER B 127 5.00 -0.97 -2.60
C SER B 127 6.16 0.03 -2.64
N SER B 128 7.40 -0.49 -2.65
N SER B 128 7.40 -0.49 -2.66
CA SER B 128 8.58 0.36 -2.60
CA SER B 128 8.57 0.36 -2.62
C SER B 128 9.78 -0.33 -3.24
C SER B 128 9.77 -0.34 -3.25
N LYS B 129 10.82 0.45 -3.51
CA LYS B 129 12.10 -0.08 -3.98
C LYS B 129 12.94 -0.50 -2.77
N ASN B 130 13.46 -1.73 -2.81
CA ASN B 130 14.29 -2.26 -1.73
C ASN B 130 15.71 -2.40 -2.23
N THR B 131 16.65 -2.35 -1.28
CA THR B 131 18.05 -2.60 -1.55
C THR B 131 18.56 -3.67 -0.59
N CYS B 132 19.40 -4.54 -1.12
CA CYS B 132 20.01 -5.60 -0.35
C CYS B 132 21.48 -5.72 -0.77
N GLU B 133 22.36 -5.87 0.22
CA GLU B 133 23.76 -6.13 -0.03
C GLU B 133 24.15 -7.43 0.67
N HIS B 134 24.69 -8.38 -0.10
N HIS B 134 24.69 -8.39 -0.11
CA HIS B 134 25.35 -9.52 0.52
CA HIS B 134 25.34 -9.54 0.50
C HIS B 134 26.80 -9.58 0.09
C HIS B 134 26.80 -9.59 0.09
N ILE B 135 27.69 -9.73 1.09
CA ILE B 135 29.07 -10.06 0.87
C ILE B 135 29.26 -11.56 1.05
N TYR B 136 29.73 -12.24 0.00
CA TYR B 136 29.77 -13.68 0.01
C TYR B 136 31.10 -14.20 -0.56
N ASP B 137 31.41 -15.45 -0.20
CA ASP B 137 32.73 -16.00 -0.40
C ASP B 137 32.72 -16.89 -1.63
N PHE B 138 33.56 -16.55 -2.60
CA PHE B 138 33.77 -17.36 -3.78
C PHE B 138 34.42 -18.68 -3.36
N PRO B 139 33.99 -19.82 -3.93
CA PRO B 139 34.61 -21.10 -3.60
C PRO B 139 36.01 -21.23 -4.18
N PRO B 140 36.96 -21.84 -3.45
CA PRO B 140 38.24 -22.23 -4.04
C PRO B 140 38.07 -23.20 -5.19
N LEU B 141 38.72 -22.89 -6.32
CA LEU B 141 38.66 -23.75 -7.51
C LEU B 141 40.05 -24.29 -7.80
N SER B 142 40.11 -25.58 -8.15
CA SER B 142 41.36 -26.20 -8.59
C SER B 142 41.85 -25.53 -9.87
N GLU B 143 43.16 -25.61 -10.11
CA GLU B 143 43.78 -25.09 -11.31
C GLU B 143 43.16 -25.77 -12.54
N GLU B 144 42.89 -27.06 -12.43
CA GLU B 144 42.34 -27.85 -13.53
C GLU B 144 40.96 -27.29 -13.90
N LEU B 145 40.16 -27.00 -12.87
CA LEU B 145 38.79 -26.55 -13.06
C LEU B 145 38.79 -25.15 -13.68
N ILE B 146 39.65 -24.29 -13.16
CA ILE B 146 39.78 -22.93 -13.67
C ILE B 146 40.10 -22.98 -15.15
N SER B 147 41.07 -23.82 -15.51
CA SER B 147 41.52 -23.95 -16.89
CA SER B 147 41.52 -23.95 -16.89
C SER B 147 40.35 -24.38 -17.77
N GLU B 148 39.57 -25.37 -17.29
CA GLU B 148 38.48 -25.92 -18.06
C GLU B 148 37.38 -24.88 -18.23
N MET B 149 37.12 -24.11 -17.16
CA MET B 149 36.02 -23.16 -17.17
C MET B 149 36.35 -22.02 -18.16
N ILE B 150 37.62 -21.63 -18.23
CA ILE B 150 38.06 -20.61 -19.17
C ILE B 150 37.89 -21.14 -20.59
N ARG B 151 38.21 -22.42 -20.79
CA ARG B 151 38.27 -23.00 -22.12
C ARG B 151 36.84 -23.29 -22.65
N HIS B 152 35.87 -23.36 -21.74
CA HIS B 152 34.54 -23.86 -22.08
C HIS B 152 33.48 -22.80 -21.71
N PRO B 153 33.44 -21.65 -22.42
CA PRO B 153 32.50 -20.60 -22.08
C PRO B 153 31.06 -21.09 -22.15
N TYR B 154 30.24 -20.63 -21.20
CA TYR B 154 28.78 -20.81 -21.24
C TYR B 154 28.42 -22.22 -20.78
N GLU B 155 29.40 -23.01 -20.36
CA GLU B 155 29.14 -24.32 -19.83
C GLU B 155 29.17 -24.29 -18.30
N THR B 156 29.56 -23.13 -17.74
CA THR B 156 29.17 -22.75 -16.39
C THR B 156 27.78 -22.13 -16.43
N GLN B 157 26.86 -22.71 -15.65
CA GLN B 157 25.44 -22.37 -15.71
C GLN B 157 24.88 -22.32 -14.29
N SER B 158 23.87 -21.45 -14.08
CA SER B 158 23.28 -21.31 -12.77
C SER B 158 21.75 -21.33 -12.87
N ASP B 159 21.12 -21.90 -11.83
CA ASP B 159 19.71 -21.68 -11.54
C ASP B 159 19.59 -20.77 -10.32
N SER B 160 18.76 -19.74 -10.44
CA SER B 160 18.44 -18.88 -9.31
C SER B 160 16.99 -19.09 -8.88
N PHE B 161 16.80 -19.72 -7.71
CA PHE B 161 15.48 -20.04 -7.19
C PHE B 161 15.11 -19.04 -6.09
N TYR B 162 13.94 -18.39 -6.24
CA TYR B 162 13.50 -17.38 -5.29
C TYR B 162 12.24 -17.85 -4.59
N PHE B 163 12.27 -17.84 -3.25
CA PHE B 163 11.17 -18.34 -2.44
C PHE B 163 10.61 -17.21 -1.59
N VAL B 164 9.28 -17.23 -1.41
CA VAL B 164 8.62 -16.47 -0.37
C VAL B 164 7.75 -17.41 0.46
N ASP B 165 7.94 -17.37 1.78
CA ASP B 165 7.28 -18.31 2.69
C ASP B 165 7.42 -19.74 2.17
N ASP B 166 8.64 -20.10 1.72
CA ASP B 166 8.99 -21.47 1.38
C ASP B 166 8.30 -21.91 0.08
N ARG B 167 7.76 -20.94 -0.67
CA ARG B 167 7.12 -21.24 -1.95
C ARG B 167 7.90 -20.55 -3.08
N LEU B 168 8.26 -21.34 -4.11
CA LEU B 168 8.97 -20.82 -5.27
C LEU B 168 8.08 -19.85 -6.03
N VAL B 169 8.61 -18.64 -6.30
CA VAL B 169 7.82 -17.57 -6.89
C VAL B 169 8.55 -16.99 -8.12
N MET B 170 9.87 -17.21 -8.21
CA MET B 170 10.64 -16.85 -9.39
C MET B 170 11.76 -17.86 -9.60
N HIS B 171 12.14 -18.04 -10.87
CA HIS B 171 13.25 -18.90 -11.24
C HIS B 171 13.94 -18.32 -12.47
N ASN B 172 15.21 -17.91 -12.29
CA ASN B 172 16.01 -17.32 -13.34
C ASN B 172 17.17 -18.25 -13.67
N LYS B 173 17.64 -18.19 -14.93
CA LYS B 173 18.73 -19.01 -15.39
C LYS B 173 19.80 -18.10 -15.94
N ALA B 174 21.06 -18.59 -15.96
CA ALA B 174 22.16 -17.82 -16.50
C ALA B 174 23.27 -18.74 -16.94
N ASP B 175 24.16 -18.24 -17.80
CA ASP B 175 25.43 -18.90 -18.05
C ASP B 175 26.52 -17.85 -18.15
N TYR B 176 27.78 -18.32 -18.17
CA TYR B 176 28.93 -17.51 -17.82
C TYR B 176 30.09 -17.87 -18.75
N SER B 177 30.70 -16.83 -19.31
CA SER B 177 32.00 -16.95 -19.95
C SER B 177 33.06 -16.31 -19.08
N TYR B 178 34.25 -16.93 -19.04
CA TYR B 178 35.39 -16.37 -18.34
C TYR B 178 36.54 -16.17 -19.32
N SER B 179 36.20 -15.92 -20.60
CA SER B 179 37.17 -15.89 -21.68
C SER B 179 37.68 -14.46 -21.91
N GLY B 180 37.06 -13.49 -21.24
CA GLY B 180 37.32 -12.08 -21.49
C GLY B 180 37.00 -11.72 -22.93
N PRO C 1 -2.06 2.43 -1.34
CA PRO C 1 -2.31 2.05 -2.78
C PRO C 1 -3.80 2.10 -3.09
N ILE C 2 -4.24 3.16 -3.78
CA ILE C 2 -5.66 3.43 -3.97
C ILE C 2 -6.00 3.25 -5.45
N GLY C 3 -7.09 2.52 -5.71
CA GLY C 3 -7.62 2.35 -7.06
C GLY C 3 -9.05 2.90 -7.18
N PRO C 4 -9.58 3.04 -8.41
CA PRO C 4 -10.91 3.61 -8.62
C PRO C 4 -12.00 3.00 -7.75
N GLU C 5 -11.94 1.68 -7.57
CA GLU C 5 -13.01 0.98 -6.89
C GLU C 5 -13.01 1.36 -5.41
N ASP C 6 -11.89 1.92 -4.94
CA ASP C 6 -11.75 2.31 -3.53
C ASP C 6 -12.47 3.64 -3.27
N VAL C 7 -12.71 4.44 -4.32
CA VAL C 7 -13.30 5.76 -4.13
C VAL C 7 -14.73 5.77 -4.64
N LEU C 8 -15.08 4.82 -5.53
CA LEU C 8 -16.33 4.86 -6.27
C LEU C 8 -17.51 4.57 -5.35
N GLY C 9 -17.22 4.10 -4.12
CA GLY C 9 -18.27 3.75 -3.16
C GLY C 9 -18.23 4.63 -1.91
N LEU C 10 -17.39 5.68 -1.93
CA LEU C 10 -17.23 6.55 -0.78
C LEU C 10 -18.53 7.33 -0.57
N GLN C 11 -18.97 7.43 0.69
CA GLN C 11 -20.25 8.04 1.01
C GLN C 11 -20.03 9.34 1.77
N ARG C 12 -18.76 9.72 1.97
CA ARG C 12 -18.42 10.98 2.62
C ARG C 12 -17.08 11.49 2.08
N ILE C 13 -16.86 12.79 2.27
CA ILE C 13 -15.58 13.42 1.99
C ILE C 13 -14.51 12.77 2.87
N THR C 14 -13.29 12.60 2.32
CA THR C 14 -12.22 11.96 3.07
C THR C 14 -11.69 12.92 4.12
N GLY C 15 -11.18 12.34 5.22
CA GLY C 15 -10.68 13.11 6.34
C GLY C 15 -9.29 13.66 6.06
N ASP C 16 -8.62 13.10 5.05
CA ASP C 16 -7.27 13.51 4.68
C ASP C 16 -7.07 13.26 3.19
N TYR C 17 -5.98 13.80 2.64
CA TYR C 17 -5.55 13.46 1.29
C TYR C 17 -5.14 11.99 1.26
N LEU C 18 -5.47 11.30 0.16
CA LEU C 18 -5.28 9.86 0.07
C LEU C 18 -3.92 9.56 -0.57
N CYS C 19 -3.22 10.61 -1.00
CA CYS C 19 -1.90 10.49 -1.57
C CYS C 19 -1.14 11.79 -1.34
N SER C 20 0.19 11.73 -1.46
CA SER C 20 1.03 12.90 -1.29
C SER C 20 1.33 13.51 -2.65
N PRO C 21 1.81 14.78 -2.71
CA PRO C 21 2.25 15.38 -3.97
C PRO C 21 3.29 14.55 -4.72
N GLU C 22 4.12 13.81 -3.97
CA GLU C 22 5.28 13.13 -4.54
C GLU C 22 4.82 12.00 -5.46
N GLU C 23 3.59 11.52 -5.25
CA GLU C 23 3.09 10.36 -5.97
C GLU C 23 2.67 10.76 -7.38
N ASN C 24 2.69 12.08 -7.67
CA ASN C 24 2.46 12.60 -9.00
C ASN C 24 3.74 12.45 -9.84
N ILE C 25 4.12 11.20 -10.10
CA ILE C 25 5.40 10.90 -10.74
C ILE C 25 5.35 11.30 -12.21
N TYR C 26 4.14 11.53 -12.74
CA TYR C 26 3.98 11.87 -14.15
C TYR C 26 4.03 13.39 -14.32
N LYS C 27 4.15 14.12 -13.19
CA LYS C 27 4.33 15.57 -13.21
C LYS C 27 3.18 16.22 -13.99
N ILE C 28 1.96 15.78 -13.69
CA ILE C 28 0.76 16.38 -14.25
C ILE C 28 0.48 17.69 -13.53
N ASP C 29 0.30 18.75 -14.31
CA ASP C 29 0.17 20.09 -13.77
C ASP C 29 -0.94 20.83 -14.54
N PHE C 30 -2.06 21.10 -13.86
CA PHE C 30 -3.16 21.84 -14.45
C PHE C 30 -2.81 23.32 -14.51
N VAL C 31 -2.96 23.92 -15.69
CA VAL C 31 -2.53 25.29 -15.92
C VAL C 31 -3.73 26.15 -16.36
N ARG C 32 -4.87 25.51 -16.64
CA ARG C 32 -6.09 26.24 -16.94
C ARG C 32 -7.32 25.39 -16.61
N PHE C 33 -8.34 26.04 -16.04
CA PHE C 33 -9.63 25.43 -15.80
C PHE C 33 -10.72 26.47 -16.07
N LYS C 34 -11.70 26.10 -16.89
CA LYS C 34 -12.81 26.97 -17.23
C LYS C 34 -14.11 26.17 -17.27
N ILE C 35 -15.15 26.72 -16.64
CA ILE C 35 -16.50 26.13 -16.68
C ILE C 35 -17.44 27.15 -17.30
N ARG C 36 -18.28 26.70 -18.23
CA ARG C 36 -19.27 27.57 -18.83
C ARG C 36 -20.63 26.89 -18.82
N ASP C 37 -21.68 27.70 -18.74
CA ASP C 37 -23.05 27.23 -18.80
C ASP C 37 -23.44 27.01 -20.26
N MET C 38 -23.86 25.78 -20.60
CA MET C 38 -24.04 25.38 -21.98
C MET C 38 -25.34 25.98 -22.53
N ASP C 39 -26.16 26.58 -21.65
CA ASP C 39 -27.45 27.10 -22.06
C ASP C 39 -27.39 28.62 -22.27
N SER C 40 -26.30 29.25 -21.80
CA SER C 40 -26.19 30.70 -21.89
C SER C 40 -24.82 31.12 -22.45
N GLY C 41 -23.84 30.22 -22.36
CA GLY C 41 -22.48 30.53 -22.81
C GLY C 41 -21.73 31.38 -21.79
N THR C 42 -22.36 31.65 -20.64
CA THR C 42 -21.73 32.43 -19.59
C THR C 42 -20.56 31.63 -19.01
N VAL C 43 -19.43 32.31 -18.83
CA VAL C 43 -18.28 31.72 -18.18
C VAL C 43 -18.45 31.83 -16.66
N LEU C 44 -18.65 30.68 -16.01
CA LEU C 44 -18.98 30.64 -14.60
C LEU C 44 -17.72 30.78 -13.75
N PHE C 45 -16.60 30.30 -14.29
CA PHE C 45 -15.31 30.36 -13.61
C PHE C 45 -14.21 30.11 -14.65
N GLU C 46 -13.11 30.86 -14.51
CA GLU C 46 -11.91 30.59 -15.29
C GLU C 46 -10.68 30.99 -14.46
N ILE C 47 -9.65 30.15 -14.49
CA ILE C 47 -8.37 30.50 -13.90
C ILE C 47 -7.25 29.96 -14.79
N LYS C 48 -6.24 30.82 -15.04
CA LYS C 48 -4.97 30.40 -15.62
C LYS C 48 -3.87 30.53 -14.58
N LYS C 49 -2.76 29.81 -14.81
CA LYS C 49 -1.55 29.94 -13.99
C LYS C 49 -0.52 30.79 -14.74
N PRO C 50 0.51 31.32 -14.03
CA PRO C 50 1.39 32.33 -14.61
C PRO C 50 2.02 31.91 -15.93
N PRO C 65 0.32 23.82 3.70
CA PRO C 65 0.51 22.32 3.73
C PRO C 65 -0.52 21.60 2.85
N ASN C 66 -1.64 22.28 2.57
CA ASN C 66 -2.53 21.89 1.47
C ASN C 66 -1.75 21.97 0.15
N ALA C 67 -0.86 22.97 0.05
CA ALA C 67 0.06 23.08 -1.07
C ALA C 67 -0.69 23.15 -2.41
N GLY C 68 -1.77 23.95 -2.43
CA GLY C 68 -2.46 24.28 -3.68
C GLY C 68 -3.51 23.23 -4.05
N ARG C 69 -3.73 22.24 -3.15
CA ARG C 69 -4.59 21.11 -3.45
C ARG C 69 -6.00 21.36 -2.92
N PHE C 70 -6.21 22.52 -2.27
CA PHE C 70 -7.54 22.89 -1.80
C PHE C 70 -7.94 24.20 -2.46
N VAL C 71 -9.15 24.23 -3.03
CA VAL C 71 -9.68 25.40 -3.70
C VAL C 71 -11.10 25.66 -3.19
N ARG C 72 -11.43 26.95 -3.04
CA ARG C 72 -12.72 27.36 -2.53
C ARG C 72 -13.42 28.17 -3.62
N TYR C 73 -14.63 27.75 -3.99
CA TYR C 73 -15.37 28.38 -5.08
C TYR C 73 -16.51 29.22 -4.52
N GLN C 74 -16.71 30.40 -5.09
CA GLN C 74 -17.83 31.28 -4.76
C GLN C 74 -18.73 31.41 -5.97
N PHE C 75 -19.90 30.76 -5.91
CA PHE C 75 -20.86 30.80 -7.02
C PHE C 75 -22.15 31.47 -6.54
N THR C 76 -23.14 31.54 -7.44
CA THR C 76 -24.42 32.17 -7.17
C THR C 76 -25.49 31.09 -7.01
N PRO C 77 -26.67 31.42 -6.45
CA PRO C 77 -27.76 30.47 -6.35
C PRO C 77 -28.13 29.84 -7.69
N ALA C 78 -27.98 30.61 -8.76
CA ALA C 78 -28.44 30.21 -10.09
C ALA C 78 -27.61 29.02 -10.59
N PHE C 79 -26.39 28.87 -10.07
CA PHE C 79 -25.52 27.76 -10.40
C PHE C 79 -26.26 26.45 -10.14
N LEU C 80 -27.07 26.42 -9.09
CA LEU C 80 -27.71 25.19 -8.64
C LEU C 80 -28.87 24.81 -9.57
N ARG C 81 -29.21 25.72 -10.51
CA ARG C 81 -30.31 25.48 -11.44
C ARG C 81 -29.77 25.14 -12.83
N LEU C 82 -28.45 24.96 -12.94
CA LEU C 82 -27.84 24.63 -14.23
C LEU C 82 -28.29 23.24 -14.66
N ARG C 83 -28.35 23.05 -15.98
CA ARG C 83 -28.65 21.75 -16.56
C ARG C 83 -27.35 21.06 -16.96
N GLN C 84 -26.46 21.81 -17.60
CA GLN C 84 -25.28 21.25 -18.23
C GLN C 84 -24.19 22.31 -18.32
N VAL C 85 -22.99 21.95 -17.86
CA VAL C 85 -21.85 22.83 -17.95
C VAL C 85 -20.75 22.15 -18.76
N GLY C 86 -20.00 22.97 -19.50
CA GLY C 86 -18.84 22.52 -20.22
C GLY C 86 -17.56 22.94 -19.51
N ALA C 87 -16.69 21.97 -19.25
CA ALA C 87 -15.44 22.20 -18.56
C ALA C 87 -14.28 22.06 -19.52
N THR C 88 -13.39 23.05 -19.54
CA THR C 88 -12.15 22.96 -20.28
C THR C 88 -10.99 22.92 -19.30
N VAL C 89 -10.10 21.95 -19.49
CA VAL C 89 -8.91 21.82 -18.66
C VAL C 89 -7.68 21.79 -19.57
N GLU C 90 -6.65 22.56 -19.21
CA GLU C 90 -5.34 22.45 -19.82
C GLU C 90 -4.33 21.97 -18.78
N PHE C 91 -3.44 21.06 -19.18
CA PHE C 91 -2.45 20.50 -18.27
C PHE C 91 -1.20 20.10 -19.05
N THR C 92 -0.04 20.27 -18.43
CA THR C 92 1.22 19.75 -18.95
C THR C 92 1.50 18.38 -18.31
N VAL C 93 2.32 17.59 -18.99
CA VAL C 93 2.75 16.29 -18.49
C VAL C 93 4.26 16.19 -18.64
N GLY C 94 4.88 15.32 -17.81
CA GLY C 94 6.31 15.05 -17.90
C GLY C 94 6.64 14.16 -19.11
N ASP C 95 7.78 13.47 -19.02
CA ASP C 95 8.39 12.84 -20.21
C ASP C 95 7.96 11.37 -20.28
N LYS C 96 7.40 10.85 -19.19
CA LYS C 96 6.85 9.50 -19.18
C LYS C 96 5.48 9.51 -19.88
N PRO C 97 5.23 8.56 -20.81
CA PRO C 97 3.88 8.34 -21.31
C PRO C 97 2.84 8.18 -20.19
N VAL C 98 1.66 8.76 -20.40
CA VAL C 98 0.57 8.69 -19.43
C VAL C 98 -0.59 7.96 -20.07
N ASN C 99 -0.91 6.77 -19.55
CA ASN C 99 -1.97 5.94 -20.12
C ASN C 99 -3.12 5.84 -19.13
N ASN C 100 -4.35 5.94 -19.65
CA ASN C 100 -5.56 5.73 -18.87
C ASN C 100 -5.64 6.78 -17.75
N PHE C 101 -5.44 8.05 -18.12
CA PHE C 101 -5.59 9.17 -17.19
C PHE C 101 -7.08 9.44 -16.97
N ARG C 102 -7.50 9.36 -15.71
CA ARG C 102 -8.89 9.30 -15.34
C ARG C 102 -9.11 10.10 -14.04
N MET C 103 -10.20 10.87 -13.99
CA MET C 103 -10.58 11.61 -12.80
C MET C 103 -11.95 11.12 -12.32
N ILE C 104 -12.03 10.80 -11.03
CA ILE C 104 -13.30 10.61 -10.35
C ILE C 104 -13.48 11.70 -9.32
N GLU C 105 -14.56 12.48 -9.47
CA GLU C 105 -14.81 13.63 -8.63
C GLU C 105 -16.16 13.49 -7.95
N ARG C 106 -16.16 13.49 -6.62
CA ARG C 106 -17.36 13.21 -5.85
C ARG C 106 -17.76 14.44 -5.05
N HIS C 107 -19.01 14.89 -5.25
CA HIS C 107 -19.54 16.07 -4.58
C HIS C 107 -20.52 15.64 -3.50
N TYR C 108 -20.39 16.23 -2.30
CA TYR C 108 -21.24 15.89 -1.17
C TYR C 108 -21.79 17.18 -0.55
N PHE C 109 -23.05 17.14 -0.10
CA PHE C 109 -23.57 18.18 0.78
C PHE C 109 -23.80 17.59 2.17
N ARG C 110 -23.06 18.13 3.16
CA ARG C 110 -23.12 17.64 4.53
C ARG C 110 -22.99 16.11 4.53
N ASN C 111 -22.07 15.61 3.70
CA ASN C 111 -21.69 14.19 3.69
C ASN C 111 -22.87 13.34 3.20
N GLN C 112 -23.74 13.94 2.37
CA GLN C 112 -24.63 13.18 1.50
C GLN C 112 -24.16 13.35 0.06
N LEU C 113 -23.93 12.23 -0.64
CA LEU C 113 -23.44 12.25 -2.01
C LEU C 113 -24.46 12.93 -2.90
N LEU C 114 -24.00 13.95 -3.64
CA LEU C 114 -24.83 14.62 -4.64
C LEU C 114 -24.64 13.96 -5.99
N LYS C 115 -23.38 13.80 -6.40
CA LYS C 115 -23.06 13.22 -7.69
C LYS C 115 -21.57 12.88 -7.75
N SER C 116 -21.26 11.82 -8.51
CA SER C 116 -19.90 11.44 -8.82
C SER C 116 -19.68 11.55 -10.33
N PHE C 117 -18.57 12.19 -10.73
CA PHE C 117 -18.27 12.38 -12.13
C PHE C 117 -17.04 11.58 -12.48
N ASP C 118 -17.08 10.94 -13.66
CA ASP C 118 -16.07 9.98 -14.07
C ASP C 118 -15.59 10.36 -15.47
N PHE C 119 -14.44 11.03 -15.54
CA PHE C 119 -13.94 11.58 -16.79
C PHE C 119 -12.64 10.88 -17.17
N HIS C 120 -12.55 10.47 -18.43
CA HIS C 120 -11.30 10.02 -19.02
C HIS C 120 -10.71 11.15 -19.88
N PHE C 121 -9.38 11.35 -19.81
CA PHE C 121 -8.76 12.47 -20.52
C PHE C 121 -8.18 12.05 -21.88
N GLY C 122 -8.24 10.74 -22.18
CA GLY C 122 -7.73 10.22 -23.44
C GLY C 122 -6.21 10.41 -23.53
N PHE C 123 -5.70 10.43 -24.76
CA PHE C 123 -4.27 10.31 -25.01
C PHE C 123 -3.58 11.60 -24.55
N CYS C 124 -2.51 11.43 -23.76
CA CYS C 124 -1.74 12.55 -23.27
C CYS C 124 -0.41 12.61 -24.01
N ILE C 125 -0.15 13.74 -24.67
CA ILE C 125 1.14 13.99 -25.30
C ILE C 125 2.18 14.30 -24.24
N PRO C 126 3.27 13.49 -24.13
CA PRO C 126 4.33 13.76 -23.17
C PRO C 126 5.00 15.12 -23.38
N SER C 127 5.49 15.70 -22.28
CA SER C 127 6.39 16.86 -22.34
C SER C 127 5.72 18.02 -23.07
N SER C 128 4.40 18.17 -22.89
CA SER C 128 3.63 19.14 -23.65
C SER C 128 2.31 19.46 -22.96
N LYS C 129 1.66 20.52 -23.45
CA LYS C 129 0.38 20.99 -22.94
C LYS C 129 -0.75 20.20 -23.62
N ASN C 130 -1.66 19.68 -22.81
CA ASN C 130 -2.83 18.96 -23.32
C ASN C 130 -4.10 19.76 -23.00
N THR C 131 -5.14 19.57 -23.81
N THR C 131 -5.14 19.57 -23.81
CA THR C 131 -6.42 20.26 -23.62
CA THR C 131 -6.42 20.26 -23.64
C THR C 131 -7.54 19.24 -23.73
C THR C 131 -7.54 19.23 -23.73
N CYS C 132 -8.54 19.38 -22.85
CA CYS C 132 -9.64 18.41 -22.78
C CYS C 132 -10.92 19.10 -22.37
N GLU C 133 -12.03 18.72 -23.00
CA GLU C 133 -13.34 19.32 -22.72
C GLU C 133 -14.33 18.23 -22.33
N HIS C 134 -14.95 18.40 -21.15
CA HIS C 134 -15.90 17.43 -20.63
C HIS C 134 -17.23 18.12 -20.30
N ILE C 135 -18.28 17.30 -20.33
CA ILE C 135 -19.61 17.71 -19.90
C ILE C 135 -19.84 17.24 -18.47
N TYR C 136 -20.16 18.17 -17.57
CA TYR C 136 -20.99 17.84 -16.41
C TYR C 136 -22.48 17.96 -16.81
N ASP C 137 -23.23 16.86 -16.67
CA ASP C 137 -24.68 16.94 -16.59
C ASP C 137 -25.09 17.06 -15.12
N PHE C 138 -25.77 18.15 -14.81
CA PHE C 138 -26.03 18.49 -13.42
C PHE C 138 -27.04 17.51 -12.87
N PRO C 139 -26.87 17.03 -11.61
CA PRO C 139 -27.88 16.21 -10.98
C PRO C 139 -29.15 16.99 -10.68
N PRO C 140 -30.33 16.37 -10.78
CA PRO C 140 -31.54 16.95 -10.20
C PRO C 140 -31.40 17.16 -8.70
N LEU C 141 -31.69 18.38 -8.25
CA LEU C 141 -31.63 18.72 -6.84
C LEU C 141 -33.02 19.10 -6.37
N SER C 142 -33.42 18.55 -5.22
CA SER C 142 -34.69 18.91 -4.61
C SER C 142 -34.64 20.38 -4.20
N GLU C 143 -35.83 21.00 -4.10
CA GLU C 143 -35.94 22.38 -3.67
C GLU C 143 -35.37 22.52 -2.26
N GLU C 144 -35.61 21.51 -1.42
CA GLU C 144 -35.16 21.53 -0.04
C GLU C 144 -33.63 21.58 -0.01
N LEU C 145 -33.00 20.77 -0.87
CA LEU C 145 -31.55 20.65 -0.90
C LEU C 145 -30.94 21.95 -1.42
N ILE C 146 -31.53 22.50 -2.47
CA ILE C 146 -31.06 23.76 -3.05
C ILE C 146 -31.07 24.84 -1.97
N SER C 147 -32.18 24.91 -1.24
CA SER C 147 -32.35 25.92 -0.20
CA SER C 147 -32.35 25.92 -0.20
C SER C 147 -31.26 25.76 0.85
N GLU C 148 -31.00 24.52 1.25
CA GLU C 148 -30.04 24.24 2.30
C GLU C 148 -28.62 24.56 1.82
N MET C 149 -28.34 24.26 0.54
CA MET C 149 -27.00 24.43 0.01
C MET C 149 -26.68 25.94 -0.06
N ILE C 150 -27.69 26.74 -0.41
CA ILE C 150 -27.54 28.19 -0.47
C ILE C 150 -27.30 28.71 0.96
N ARG C 151 -28.00 28.13 1.93
CA ARG C 151 -27.98 28.64 3.30
C ARG C 151 -26.68 28.24 4.01
N HIS C 152 -26.01 27.21 3.51
CA HIS C 152 -24.92 26.57 4.23
C HIS C 152 -23.65 26.58 3.37
N PRO C 153 -23.04 27.75 3.13
CA PRO C 153 -21.87 27.83 2.27
C PRO C 153 -20.72 26.95 2.76
N TYR C 154 -20.04 26.30 1.82
CA TYR C 154 -18.78 25.60 2.09
C TYR C 154 -19.05 24.24 2.72
N GLU C 155 -20.33 23.87 2.85
CA GLU C 155 -20.69 22.56 3.35
C GLU C 155 -21.03 21.63 2.18
N THR C 156 -21.07 22.20 0.96
CA THR C 156 -20.88 21.42 -0.25
C THR C 156 -19.37 21.27 -0.50
N GLN C 157 -18.92 20.01 -0.61
CA GLN C 157 -17.49 19.71 -0.69
C GLN C 157 -17.26 18.62 -1.74
N SER C 158 -16.06 18.63 -2.36
CA SER C 158 -15.73 17.65 -3.37
C SER C 158 -14.33 17.09 -3.13
N ASP C 159 -14.17 15.80 -3.46
CA ASP C 159 -12.86 15.18 -3.64
C ASP C 159 -12.64 14.92 -5.13
N SER C 160 -11.48 15.34 -5.64
CA SER C 160 -11.08 15.03 -7.01
C SER C 160 -9.93 14.03 -7.00
N PHE C 161 -10.22 12.78 -7.40
CA PHE C 161 -9.25 11.70 -7.44
C PHE C 161 -8.75 11.48 -8.87
N TYR C 162 -7.44 11.53 -9.07
CA TYR C 162 -6.83 11.38 -10.39
C TYR C 162 -6.03 10.08 -10.45
N PHE C 163 -6.31 9.25 -11.46
CA PHE C 163 -5.67 7.94 -11.60
C PHE C 163 -4.90 7.87 -12.92
N VAL C 164 -3.77 7.18 -12.87
CA VAL C 164 -3.08 6.71 -14.07
C VAL C 164 -2.84 5.21 -13.93
N ASP C 165 -3.27 4.44 -14.95
CA ASP C 165 -3.21 2.99 -14.90
C ASP C 165 -3.79 2.49 -13.59
N ASP C 166 -4.93 3.06 -13.17
CA ASP C 166 -5.72 2.56 -12.06
C ASP C 166 -5.03 2.84 -10.73
N ARG C 167 -4.01 3.72 -10.74
CA ARG C 167 -3.29 4.07 -9.53
C ARG C 167 -3.46 5.58 -9.25
N LEU C 168 -3.86 5.88 -8.01
CA LEU C 168 -4.07 7.26 -7.58
C LEU C 168 -2.74 8.01 -7.59
N VAL C 169 -2.71 9.19 -8.25
CA VAL C 169 -1.48 9.95 -8.42
C VAL C 169 -1.69 11.40 -7.98
N MET C 170 -2.95 11.87 -7.93
CA MET C 170 -3.26 13.19 -7.39
C MET C 170 -4.60 13.14 -6.68
N HIS C 171 -4.75 14.02 -5.66
CA HIS C 171 -6.00 14.16 -4.93
C HIS C 171 -6.17 15.61 -4.51
N ASN C 172 -7.19 16.27 -5.07
CA ASN C 172 -7.50 17.66 -4.76
C ASN C 172 -8.84 17.74 -4.05
N LYS C 173 -8.98 18.76 -3.20
CA LYS C 173 -10.21 18.99 -2.46
C LYS C 173 -10.74 20.39 -2.78
N ALA C 174 -12.05 20.57 -2.58
CA ALA C 174 -12.66 21.86 -2.81
C ALA C 174 -13.92 21.97 -1.96
N ASP C 175 -14.36 23.22 -1.73
CA ASP C 175 -15.71 23.46 -1.23
C ASP C 175 -16.31 24.66 -1.95
N TYR C 176 -17.61 24.87 -1.74
CA TYR C 176 -18.44 25.64 -2.65
C TYR C 176 -19.42 26.47 -1.83
N SER C 177 -19.49 27.77 -2.16
CA SER C 177 -20.55 28.63 -1.71
C SER C 177 -21.48 28.93 -2.88
N TYR C 178 -22.78 28.98 -2.61
CA TYR C 178 -23.77 29.38 -3.61
C TYR C 178 -24.52 30.61 -3.12
N SER C 179 -23.85 31.44 -2.31
CA SER C 179 -24.49 32.56 -1.62
C SER C 179 -24.35 33.84 -2.43
N GLY C 180 -23.62 33.80 -3.56
CA GLY C 180 -23.20 34.99 -4.28
C GLY C 180 -22.42 35.93 -3.37
N PRO D 1 -2.70 6.59 13.86
CA PRO D 1 -2.23 6.65 15.30
C PRO D 1 -2.28 5.26 15.93
N ILE D 2 -1.10 4.73 16.30
CA ILE D 2 -1.01 3.47 16.99
C ILE D 2 -0.72 3.72 18.47
N GLY D 3 -1.48 3.02 19.32
CA GLY D 3 -1.22 3.02 20.76
C GLY D 3 -0.84 1.61 21.27
N PRO D 4 -0.35 1.51 22.52
CA PRO D 4 0.11 0.23 23.07
C PRO D 4 -0.88 -0.92 22.89
N GLU D 5 -2.17 -0.62 23.06
CA GLU D 5 -3.18 -1.66 23.08
C GLU D 5 -3.33 -2.25 21.67
N ASP D 6 -2.83 -1.53 20.67
CA ASP D 6 -2.92 -1.95 19.28
C ASP D 6 -1.86 -3.02 18.96
N VAL D 7 -0.80 -3.11 19.79
CA VAL D 7 0.31 -4.01 19.48
C VAL D 7 0.34 -5.15 20.51
N LEU D 8 -0.29 -4.93 21.69
CA LEU D 8 -0.08 -5.82 22.83
C LEU D 8 -0.75 -7.18 22.59
N GLY D 9 -1.59 -7.27 21.55
CA GLY D 9 -2.34 -8.49 21.28
C GLY D 9 -1.94 -9.12 19.93
N LEU D 10 -0.92 -8.56 19.28
CA LEU D 10 -0.51 -8.99 17.95
C LEU D 10 0.04 -10.42 18.02
N GLN D 11 -0.37 -11.25 17.06
CA GLN D 11 -0.03 -12.65 17.04
C GLN D 11 0.91 -12.95 15.87
N ARG D 12 1.29 -11.91 15.11
CA ARG D 12 2.27 -12.07 14.03
C ARG D 12 3.08 -10.79 13.86
N ILE D 13 4.23 -10.93 13.23
CA ILE D 13 5.05 -9.81 12.80
C ILE D 13 4.24 -8.95 11.81
N THR D 14 4.42 -7.63 11.89
CA THR D 14 3.70 -6.72 11.00
C THR D 14 4.29 -6.79 9.60
N GLY D 15 3.45 -6.55 8.59
CA GLY D 15 3.84 -6.63 7.20
C GLY D 15 4.61 -5.39 6.75
N ASP D 16 4.55 -4.32 7.56
CA ASP D 16 5.23 -3.07 7.27
C ASP D 16 5.52 -2.35 8.58
N TYR D 17 6.34 -1.29 8.52
CA TYR D 17 6.53 -0.39 9.64
C TYR D 17 5.23 0.35 9.91
N LEU D 18 4.91 0.55 11.20
CA LEU D 18 3.61 1.09 11.61
C LEU D 18 3.70 2.60 11.75
N CYS D 19 4.91 3.14 11.59
CA CYS D 19 5.14 4.58 11.64
C CYS D 19 6.35 4.90 10.76
N SER D 20 6.50 6.17 10.38
CA SER D 20 7.64 6.61 9.57
C SER D 20 8.74 7.12 10.48
N PRO D 21 9.99 7.25 9.97
CA PRO D 21 11.07 7.88 10.74
C PRO D 21 10.73 9.27 11.27
N GLU D 22 9.90 10.00 10.51
CA GLU D 22 9.64 11.42 10.77
C GLU D 22 8.86 11.57 12.08
N GLU D 23 8.18 10.50 12.50
CA GLU D 23 7.30 10.56 13.66
C GLU D 23 8.13 10.53 14.95
N ASN D 24 9.45 10.29 14.80
CA ASN D 24 10.38 10.37 15.92
C ASN D 24 10.73 11.84 16.19
N ILE D 25 9.72 12.62 16.60
CA ILE D 25 9.88 14.07 16.74
C ILE D 25 10.76 14.39 17.95
N TYR D 26 10.97 13.39 18.81
CA TYR D 26 11.75 13.56 20.03
C TYR D 26 13.22 13.27 19.77
N LYS D 27 13.52 12.83 18.53
CA LYS D 27 14.89 12.61 18.08
C LYS D 27 15.59 11.64 19.04
N ILE D 28 14.89 10.54 19.38
CA ILE D 28 15.47 9.48 20.17
C ILE D 28 16.38 8.64 19.29
N ASP D 29 17.60 8.44 19.75
CA ASP D 29 18.63 7.78 18.96
C ASP D 29 19.43 6.85 19.87
N PHE D 30 19.30 5.54 19.63
CA PHE D 30 20.06 4.53 20.37
C PHE D 30 21.50 4.51 19.87
N VAL D 31 22.44 4.61 20.82
CA VAL D 31 23.85 4.76 20.47
C VAL D 31 24.66 3.61 21.08
N ARG D 32 24.03 2.82 21.94
CA ARG D 32 24.67 1.64 22.50
C ARG D 32 23.62 0.61 22.91
N PHE D 33 23.93 -0.66 22.63
CA PHE D 33 23.13 -1.79 23.07
C PHE D 33 24.06 -2.94 23.44
N LYS D 34 23.88 -3.47 24.65
CA LYS D 34 24.70 -4.57 25.14
C LYS D 34 23.84 -5.56 25.89
N ILE D 35 24.05 -6.85 25.57
CA ILE D 35 23.38 -7.97 26.22
C ILE D 35 24.44 -8.84 26.87
N ARG D 36 24.25 -9.18 28.14
CA ARG D 36 25.15 -10.11 28.81
C ARG D 36 24.34 -11.23 29.47
N ASP D 37 24.97 -12.40 29.55
CA ASP D 37 24.38 -13.56 30.21
C ASP D 37 24.66 -13.46 31.70
N MET D 38 23.59 -13.46 32.50
CA MET D 38 23.70 -13.17 33.91
C MET D 38 24.27 -14.37 34.67
N ASP D 39 24.39 -15.50 33.98
CA ASP D 39 24.85 -16.75 34.60
C ASP D 39 26.33 -16.98 34.35
N SER D 40 26.91 -16.23 33.39
CA SER D 40 28.29 -16.45 33.01
C SER D 40 29.06 -15.14 32.96
N GLY D 41 28.34 -14.01 32.80
CA GLY D 41 28.96 -12.70 32.65
C GLY D 41 29.54 -12.50 31.25
N THR D 42 29.29 -13.46 30.36
CA THR D 42 29.70 -13.33 28.97
C THR D 42 28.90 -12.21 28.31
N VAL D 43 29.59 -11.36 27.56
CA VAL D 43 28.95 -10.37 26.72
C VAL D 43 28.54 -11.04 25.41
N LEU D 44 27.21 -11.17 25.22
CA LEU D 44 26.68 -11.92 24.09
C LEU D 44 26.66 -11.05 22.85
N PHE D 45 26.48 -9.75 23.05
CA PHE D 45 26.41 -8.81 21.95
C PHE D 45 26.63 -7.40 22.49
N GLU D 46 27.39 -6.61 21.75
CA GLU D 46 27.55 -5.19 22.04
C GLU D 46 27.76 -4.44 20.73
N ILE D 47 27.07 -3.31 20.60
CA ILE D 47 27.28 -2.40 19.49
C ILE D 47 27.28 -0.96 20.03
N LYS D 48 28.26 -0.18 19.57
CA LYS D 48 28.26 1.27 19.72
C LYS D 48 28.13 1.91 18.35
N LYS D 49 27.69 3.17 18.31
CA LYS D 49 27.61 3.92 17.06
C LYS D 49 28.82 4.87 16.90
N ALA D 67 15.61 1.88 6.85
CA ALA D 67 16.47 3.09 7.04
C ALA D 67 17.25 2.96 8.35
N GLY D 68 17.95 1.83 8.51
CA GLY D 68 18.64 1.50 9.75
C GLY D 68 17.68 0.91 10.81
N ARG D 69 16.43 0.65 10.40
CA ARG D 69 15.38 0.22 11.32
C ARG D 69 15.28 -1.31 11.34
N PHE D 70 16.12 -1.98 10.53
CA PHE D 70 16.16 -3.42 10.51
C PHE D 70 17.57 -3.88 10.89
N VAL D 71 17.62 -4.83 11.82
CA VAL D 71 18.89 -5.39 12.28
C VAL D 71 18.77 -6.92 12.22
N ARG D 72 19.87 -7.54 11.79
CA ARG D 72 19.97 -8.99 11.73
C ARG D 72 21.02 -9.45 12.74
N TYR D 73 20.62 -10.36 13.63
CA TYR D 73 21.51 -10.85 14.67
C TYR D 73 21.96 -12.27 14.35
N GLN D 74 23.26 -12.54 14.56
CA GLN D 74 23.82 -13.88 14.43
C GLN D 74 24.29 -14.36 15.81
N PHE D 75 23.54 -15.31 16.38
CA PHE D 75 23.85 -15.86 17.69
C PHE D 75 24.17 -17.35 17.55
N THR D 76 24.43 -18.00 18.69
CA THR D 76 24.78 -19.41 18.75
C THR D 76 23.59 -20.19 19.33
N PRO D 77 23.57 -21.54 19.17
CA PRO D 77 22.55 -22.37 19.78
C PRO D 77 22.39 -22.14 21.28
N ALA D 78 23.49 -21.81 21.98
CA ALA D 78 23.51 -21.70 23.43
C ALA D 78 22.65 -20.53 23.88
N PHE D 79 22.49 -19.55 23.00
CA PHE D 79 21.65 -18.38 23.28
C PHE D 79 20.24 -18.85 23.69
N LEU D 80 19.77 -19.92 23.07
CA LEU D 80 18.40 -20.38 23.25
C LEU D 80 18.23 -21.07 24.61
N ARG D 81 19.35 -21.30 25.31
CA ARG D 81 19.30 -21.95 26.63
C ARG D 81 19.57 -20.94 27.75
N LEU D 82 19.55 -19.65 27.41
CA LEU D 82 19.75 -18.60 28.40
C LEU D 82 18.56 -18.58 29.38
N ARG D 83 18.84 -18.20 30.61
CA ARG D 83 17.81 -18.08 31.63
C ARG D 83 17.48 -16.59 31.80
N GLN D 84 18.51 -15.76 31.87
CA GLN D 84 18.36 -14.37 32.27
C GLN D 84 19.48 -13.55 31.67
N VAL D 85 19.11 -12.45 31.00
CA VAL D 85 20.08 -11.58 30.39
C VAL D 85 19.94 -10.19 30.98
N GLY D 86 21.09 -9.49 31.08
CA GLY D 86 21.11 -8.07 31.40
C GLY D 86 21.30 -7.24 30.13
N ALA D 87 20.40 -6.30 29.90
CA ALA D 87 20.45 -5.42 28.75
C ALA D 87 20.83 -4.02 29.19
N THR D 88 21.82 -3.43 28.51
CA THR D 88 22.17 -2.03 28.68
C THR D 88 21.88 -1.29 27.37
N VAL D 89 21.17 -0.17 27.48
CA VAL D 89 20.87 0.68 26.34
C VAL D 89 21.29 2.11 26.65
N GLU D 90 21.99 2.76 25.72
CA GLU D 90 22.23 4.19 25.78
C GLU D 90 21.53 4.86 24.61
N PHE D 91 20.93 6.04 24.87
CA PHE D 91 20.24 6.78 23.83
C PHE D 91 20.30 8.27 24.14
N THR D 92 20.40 9.08 23.08
CA THR D 92 20.29 10.52 23.19
C THR D 92 18.86 10.93 22.90
N VAL D 93 18.48 12.12 23.39
N VAL D 93 18.49 12.13 23.38
CA VAL D 93 17.16 12.67 23.16
CA VAL D 93 17.18 12.69 23.19
C VAL D 93 17.33 14.13 22.75
C VAL D 93 17.34 14.14 22.76
N GLY D 94 16.36 14.64 21.98
CA GLY D 94 16.35 16.04 21.57
C GLY D 94 15.93 16.95 22.72
N ASP D 95 15.43 18.14 22.36
CA ASP D 95 15.24 19.22 23.34
C ASP D 95 13.80 19.22 23.83
N LYS D 96 12.93 18.49 23.14
CA LYS D 96 11.55 18.30 23.60
C LYS D 96 11.54 17.29 24.76
N PRO D 97 10.86 17.61 25.89
CA PRO D 97 10.65 16.62 26.93
C PRO D 97 10.08 15.32 26.41
N VAL D 98 10.56 14.20 26.96
CA VAL D 98 10.05 12.88 26.65
C VAL D 98 9.45 12.28 27.91
N ASN D 99 8.13 12.08 27.90
CA ASN D 99 7.43 11.51 29.05
C ASN D 99 6.83 10.16 28.67
N ASN D 100 6.90 9.20 29.60
CA ASN D 100 6.23 7.91 29.46
C ASN D 100 6.80 7.16 28.24
N PHE D 101 8.14 7.10 28.18
CA PHE D 101 8.83 6.38 27.12
C PHE D 101 8.78 4.89 27.43
N ARG D 102 8.23 4.13 26.48
CA ARG D 102 7.84 2.75 26.71
C ARG D 102 8.14 1.93 25.46
N MET D 103 8.72 0.73 25.66
CA MET D 103 8.99 -0.18 24.55
C MET D 103 8.20 -1.48 24.74
N ILE D 104 7.48 -1.87 23.70
CA ILE D 104 6.89 -3.20 23.63
C ILE D 104 7.54 -3.96 22.48
N GLU D 105 8.20 -5.08 22.82
CA GLU D 105 9.01 -5.81 21.87
C GLU D 105 8.56 -7.26 21.82
N ARG D 106 8.13 -7.70 20.63
CA ARG D 106 7.44 -8.96 20.47
C ARG D 106 8.28 -9.85 19.55
N HIS D 107 8.64 -11.05 20.06
CA HIS D 107 9.43 -12.01 19.32
C HIS D 107 8.53 -13.17 18.86
N TYR D 108 8.69 -13.56 17.59
CA TYR D 108 7.88 -14.63 17.00
C TYR D 108 8.82 -15.62 16.28
N PHE D 109 8.47 -16.93 16.37
CA PHE D 109 9.07 -17.92 15.48
C PHE D 109 8.01 -18.43 14.49
N ARG D 110 8.25 -18.18 13.20
CA ARG D 110 7.32 -18.55 12.15
C ARG D 110 5.91 -18.09 12.53
N ASN D 111 5.83 -16.86 13.06
CA ASN D 111 4.57 -16.19 13.34
C ASN D 111 3.81 -16.92 14.45
N GLN D 112 4.55 -17.60 15.33
CA GLN D 112 4.05 -17.96 16.66
C GLN D 112 4.77 -17.10 17.70
N LEU D 113 3.97 -16.41 18.53
CA LEU D 113 4.51 -15.54 19.56
C LEU D 113 5.34 -16.37 20.54
N LEU D 114 6.60 -15.95 20.75
CA LEU D 114 7.46 -16.55 21.76
C LEU D 114 7.33 -15.77 23.05
N LYS D 115 7.53 -14.46 22.98
CA LYS D 115 7.55 -13.63 24.16
C LYS D 115 7.36 -12.17 23.76
N SER D 116 6.64 -11.43 24.61
CA SER D 116 6.53 -9.99 24.50
C SER D 116 7.13 -9.35 25.75
N PHE D 117 7.97 -8.33 25.55
CA PHE D 117 8.55 -7.58 26.66
C PHE D 117 7.95 -6.18 26.67
N ASP D 118 7.57 -5.72 27.87
CA ASP D 118 6.93 -4.43 28.06
C ASP D 118 7.73 -3.64 29.10
N PHE D 119 8.57 -2.72 28.61
CA PHE D 119 9.52 -2.02 29.45
C PHE D 119 9.17 -0.54 29.46
N HIS D 120 9.11 0.03 30.67
CA HIS D 120 8.96 1.46 30.84
C HIS D 120 10.31 2.04 31.22
N PHE D 121 10.77 3.01 30.43
CA PHE D 121 11.99 3.71 30.74
C PHE D 121 11.76 4.58 31.96
N GLY D 122 12.83 4.87 32.69
CA GLY D 122 12.81 5.90 33.71
C GLY D 122 12.72 7.29 33.08
N PHE D 123 13.03 8.32 33.89
CA PHE D 123 12.94 9.68 33.44
C PHE D 123 14.03 9.95 32.41
N CYS D 124 13.64 10.55 31.27
CA CYS D 124 14.57 10.84 30.19
C CYS D 124 14.95 12.34 30.20
N ILE D 125 16.25 12.61 30.38
CA ILE D 125 16.77 13.95 30.42
C ILE D 125 16.88 14.48 28.99
N PRO D 126 16.21 15.61 28.66
CA PRO D 126 16.36 16.23 27.34
C PRO D 126 17.80 16.58 27.00
N SER D 127 18.11 16.56 25.68
CA SER D 127 19.34 17.13 25.16
C SER D 127 20.56 16.46 25.82
N SER D 128 20.46 15.16 26.10
CA SER D 128 21.52 14.45 26.79
C SER D 128 21.47 12.96 26.46
N LYS D 129 22.54 12.26 26.84
CA LYS D 129 22.63 10.82 26.72
C LYS D 129 22.01 10.17 27.95
N ASN D 130 21.10 9.22 27.74
CA ASN D 130 20.46 8.50 28.83
C ASN D 130 20.92 7.04 28.82
N THR D 131 20.87 6.39 30.00
CA THR D 131 21.26 5.00 30.14
C THR D 131 20.17 4.25 30.89
N CYS D 132 19.94 3.00 30.48
CA CYS D 132 18.93 2.15 31.07
C CYS D 132 19.47 0.72 31.12
N GLU D 133 19.28 0.05 32.26
CA GLU D 133 19.66 -1.35 32.41
C GLU D 133 18.45 -2.13 32.89
N HIS D 134 18.07 -3.18 32.14
CA HIS D 134 17.04 -4.10 32.61
C HIS D 134 17.58 -5.51 32.65
N ILE D 135 17.27 -6.21 33.75
CA ILE D 135 17.43 -7.65 33.85
C ILE D 135 16.10 -8.33 33.51
N TYR D 136 16.11 -9.18 32.48
CA TYR D 136 14.87 -9.83 32.11
C TYR D 136 15.08 -11.31 31.79
N ASP D 137 13.96 -12.01 31.82
CA ASP D 137 13.92 -13.45 31.97
C ASP D 137 13.53 -14.05 30.64
N PHE D 138 14.40 -14.89 30.10
CA PHE D 138 14.07 -15.70 28.93
C PHE D 138 12.94 -16.65 29.30
N PRO D 139 11.96 -16.89 28.40
CA PRO D 139 11.03 -17.99 28.59
C PRO D 139 11.72 -19.34 28.39
N PRO D 140 11.36 -20.38 29.18
CA PRO D 140 11.75 -21.74 28.84
C PRO D 140 11.21 -22.16 27.48
N LEU D 141 12.09 -22.76 26.67
CA LEU D 141 11.71 -23.21 25.34
C LEU D 141 11.75 -24.73 25.27
N SER D 142 10.75 -25.32 24.60
CA SER D 142 10.72 -26.75 24.38
C SER D 142 11.92 -27.15 23.51
N GLU D 143 12.32 -28.43 23.64
CA GLU D 143 13.41 -28.99 22.87
C GLU D 143 13.08 -28.91 21.38
N GLU D 144 11.80 -29.15 21.06
CA GLU D 144 11.33 -29.13 19.67
C GLU D 144 11.52 -27.73 19.09
N LEU D 145 11.17 -26.71 19.87
CA LEU D 145 11.22 -25.34 19.42
C LEU D 145 12.68 -24.92 19.20
N ILE D 146 13.53 -25.27 20.17
CA ILE D 146 14.93 -24.94 20.10
C ILE D 146 15.52 -25.52 18.81
N SER D 147 15.22 -26.79 18.56
CA SER D 147 15.73 -27.50 17.40
CA SER D 147 15.74 -27.49 17.40
C SER D 147 15.31 -26.77 16.11
N GLU D 148 14.03 -26.37 16.06
CA GLU D 148 13.47 -25.77 14.88
C GLU D 148 14.09 -24.39 14.66
N MET D 149 14.29 -23.65 15.76
CA MET D 149 14.79 -22.28 15.68
C MET D 149 16.24 -22.31 15.16
N ILE D 150 17.02 -23.31 15.61
CA ILE D 150 18.39 -23.47 15.15
C ILE D 150 18.37 -23.78 13.65
N ARG D 151 17.43 -24.61 13.23
CA ARG D 151 17.45 -25.16 11.87
C ARG D 151 16.93 -24.12 10.87
N HIS D 152 16.21 -23.09 11.39
CA HIS D 152 15.48 -22.18 10.53
C HIS D 152 15.93 -20.74 10.80
N PRO D 153 17.16 -20.37 10.44
CA PRO D 153 17.67 -19.03 10.75
C PRO D 153 16.81 -17.94 10.14
N TYR D 154 16.62 -16.85 10.89
CA TYR D 154 16.02 -15.62 10.39
C TYR D 154 14.50 -15.76 10.32
N GLU D 155 13.98 -16.89 10.80
CA GLU D 155 12.54 -17.08 10.89
C GLU D 155 12.05 -16.80 12.31
N THR D 156 13.01 -16.60 13.23
CA THR D 156 12.74 -15.85 14.45
C THR D 156 12.86 -14.35 14.16
N GLN D 157 11.78 -13.61 14.46
CA GLN D 157 11.65 -12.21 14.06
C GLN D 157 11.04 -11.40 15.22
N SER D 158 11.40 -10.12 15.32
CA SER D 158 10.87 -9.26 16.37
C SER D 158 10.41 -7.92 15.80
N ASP D 159 9.35 -7.38 16.39
CA ASP D 159 8.97 -5.98 16.25
C ASP D 159 9.27 -5.27 17.56
N SER D 160 9.97 -4.13 17.47
CA SER D 160 10.18 -3.28 18.61
C SER D 160 9.37 -1.98 18.45
N PHE D 161 8.33 -1.83 19.28
CA PHE D 161 7.45 -0.67 19.24
C PHE D 161 7.79 0.29 20.39
N TYR D 162 8.05 1.56 20.04
CA TYR D 162 8.45 2.56 21.03
C TYR D 162 7.38 3.65 21.11
N PHE D 163 6.90 3.92 22.33
CA PHE D 163 5.82 4.86 22.55
C PHE D 163 6.30 6.01 23.43
N VAL D 164 5.78 7.20 23.13
CA VAL D 164 5.85 8.34 24.04
C VAL D 164 4.44 8.88 24.23
N ASP D 165 4.01 9.00 25.50
CA ASP D 165 2.65 9.42 25.84
C ASP D 165 1.64 8.62 25.01
N ASP D 166 1.83 7.30 24.95
CA ASP D 166 0.86 6.38 24.38
C ASP D 166 0.80 6.50 22.84
N ARG D 167 1.79 7.21 22.25
CA ARG D 167 1.83 7.39 20.81
C ARG D 167 3.09 6.74 20.25
N LEU D 168 2.91 5.89 19.23
CA LEU D 168 4.02 5.22 18.58
C LEU D 168 4.90 6.24 17.86
N VAL D 169 6.22 6.19 18.14
CA VAL D 169 7.13 7.21 17.62
C VAL D 169 8.34 6.54 16.93
N MET D 170 8.57 5.26 17.25
CA MET D 170 9.58 4.47 16.53
C MET D 170 9.10 3.03 16.41
N HIS D 171 9.53 2.37 15.33
CA HIS D 171 9.26 0.96 15.11
C HIS D 171 10.44 0.34 14.39
N ASN D 172 11.12 -0.58 15.09
CA ASN D 172 12.28 -1.27 14.55
C ASN D 172 11.95 -2.75 14.39
N LYS D 173 12.60 -3.38 13.40
CA LYS D 173 12.42 -4.79 13.15
C LYS D 173 13.76 -5.49 13.24
N ALA D 174 13.73 -6.81 13.49
CA ALA D 174 14.94 -7.60 13.54
C ALA D 174 14.63 -9.05 13.23
N ASP D 175 15.65 -9.81 12.84
CA ASP D 175 15.55 -11.26 12.81
C ASP D 175 16.85 -11.85 13.33
N TYR D 176 16.82 -13.17 13.56
CA TYR D 176 17.77 -13.83 14.44
C TYR D 176 18.16 -15.17 13.84
N SER D 177 19.47 -15.41 13.77
CA SER D 177 20.00 -16.74 13.53
C SER D 177 20.60 -17.29 14.81
N TYR D 178 20.42 -18.60 15.03
CA TYR D 178 21.04 -19.27 16.16
C TYR D 178 21.95 -20.40 15.66
N SER D 179 22.50 -20.21 14.44
CA SER D 179 23.24 -21.26 13.74
C SER D 179 24.73 -21.15 14.03
N GLY D 180 25.17 -20.04 14.66
CA GLY D 180 26.56 -19.85 15.05
C GLY D 180 27.53 -19.94 13.86
N PRO E 1 14.00 -1.44 -37.38
CA PRO E 1 12.91 -0.60 -37.98
C PRO E 1 11.59 -1.37 -38.04
N ILE E 2 10.50 -0.64 -38.30
CA ILE E 2 9.16 -1.18 -38.17
C ILE E 2 8.58 -1.40 -39.56
N GLY E 3 8.00 -2.60 -39.77
CA GLY E 3 7.33 -2.93 -41.02
C GLY E 3 5.84 -3.18 -40.82
N PRO E 4 5.05 -3.24 -41.94
CA PRO E 4 3.61 -3.45 -41.85
C PRO E 4 3.20 -4.61 -40.94
N GLU E 5 3.97 -5.70 -41.00
CA GLU E 5 3.61 -6.93 -40.31
C GLU E 5 3.70 -6.70 -38.80
N ASP E 6 4.42 -5.65 -38.39
CA ASP E 6 4.62 -5.34 -36.98
C ASP E 6 3.38 -4.65 -36.38
N VAL E 7 2.54 -4.06 -37.25
CA VAL E 7 1.40 -3.27 -36.77
C VAL E 7 0.09 -4.01 -37.09
N LEU E 8 0.12 -4.92 -38.07
CA LEU E 8 -1.10 -5.47 -38.66
C LEU E 8 -1.82 -6.40 -37.66
N GLY E 9 -1.13 -6.76 -36.57
CA GLY E 9 -1.69 -7.69 -35.59
C GLY E 9 -1.88 -7.05 -34.21
N LEU E 10 -1.65 -5.72 -34.13
CA LEU E 10 -1.72 -5.00 -32.86
C LEU E 10 -3.14 -5.02 -32.33
N GLN E 11 -3.28 -5.28 -31.02
CA GLN E 11 -4.57 -5.41 -30.38
C GLN E 11 -4.81 -4.24 -29.42
N ARG E 12 -3.86 -3.29 -29.38
CA ARG E 12 -3.99 -2.11 -28.54
C ARG E 12 -3.31 -0.91 -29.19
N ILE E 13 -3.77 0.28 -28.81
CA ILE E 13 -3.14 1.53 -29.18
C ILE E 13 -1.73 1.55 -28.57
N THR E 14 -0.76 2.13 -29.30
CA THR E 14 0.60 2.22 -28.79
C THR E 14 0.64 3.30 -27.70
N GLY E 15 1.56 3.16 -26.75
CA GLY E 15 1.69 4.09 -25.64
C GLY E 15 2.41 5.37 -26.07
N ASP E 16 3.13 5.28 -27.19
CA ASP E 16 3.86 6.42 -27.74
C ASP E 16 4.06 6.23 -29.25
N TYR E 17 4.61 7.25 -29.89
CA TYR E 17 4.93 7.22 -31.30
C TYR E 17 6.03 6.20 -31.54
N LEU E 18 5.92 5.46 -32.65
CA LEU E 18 6.83 4.38 -32.98
C LEU E 18 7.99 4.90 -33.82
N CYS E 19 7.92 6.18 -34.19
CA CYS E 19 8.97 6.80 -34.99
C CYS E 19 9.02 8.29 -34.71
N SER E 20 10.16 8.91 -35.02
CA SER E 20 10.34 10.35 -34.83
C SER E 20 9.98 11.08 -36.10
N PRO E 21 9.76 12.42 -36.04
CA PRO E 21 9.56 13.22 -37.25
C PRO E 21 10.67 13.08 -38.29
N GLU E 22 11.89 12.83 -37.80
CA GLU E 22 13.09 12.89 -38.63
C GLU E 22 13.07 11.73 -39.63
N GLU E 23 12.32 10.67 -39.30
CA GLU E 23 12.31 9.45 -40.11
C GLU E 23 11.49 9.66 -41.38
N ASN E 24 10.79 10.80 -41.45
CA ASN E 24 10.07 11.19 -42.65
C ASN E 24 11.05 11.79 -43.67
N ILE E 25 11.96 10.96 -44.19
CA ILE E 25 13.04 11.42 -45.03
C ILE E 25 12.50 11.83 -46.42
N TYR E 26 11.26 11.43 -46.72
CA TYR E 26 10.66 11.75 -48.01
C TYR E 26 9.90 13.08 -47.93
N LYS E 27 9.87 13.67 -46.73
CA LYS E 27 9.30 15.00 -46.52
C LYS E 27 7.85 15.01 -47.00
N ILE E 28 7.11 13.98 -46.61
CA ILE E 28 5.68 13.91 -46.90
C ILE E 28 4.96 14.81 -45.91
N ASP E 29 4.12 15.69 -46.44
CA ASP E 29 3.51 16.72 -45.63
C ASP E 29 2.06 16.87 -46.07
N PHE E 30 1.14 16.45 -45.17
CA PHE E 30 -0.28 16.56 -45.41
C PHE E 30 -0.69 18.03 -45.22
N VAL E 31 -1.38 18.58 -46.24
CA VAL E 31 -1.70 20.00 -46.25
C VAL E 31 -3.23 20.18 -46.34
N ARG E 32 -3.94 19.09 -46.56
CA ARG E 32 -5.40 19.11 -46.52
C ARG E 32 -5.94 17.74 -46.16
N PHE E 33 -6.98 17.73 -45.32
CA PHE E 33 -7.67 16.51 -44.93
C PHE E 33 -9.15 16.82 -44.80
N LYS E 34 -9.99 16.06 -45.48
CA LYS E 34 -11.42 16.34 -45.55
C LYS E 34 -12.17 15.03 -45.57
N ILE E 35 -13.18 14.89 -44.68
CA ILE E 35 -13.99 13.69 -44.61
C ILE E 35 -15.45 14.05 -44.89
N ARG E 36 -16.11 13.23 -45.69
CA ARG E 36 -17.50 13.44 -46.03
C ARG E 36 -18.26 12.11 -45.87
N ASP E 37 -19.56 12.23 -45.59
CA ASP E 37 -20.46 11.10 -45.57
C ASP E 37 -20.88 10.76 -47.01
N MET E 38 -20.62 9.52 -47.42
CA MET E 38 -20.78 9.14 -48.83
C MET E 38 -22.27 8.95 -49.16
N ASP E 39 -23.13 8.99 -48.14
CA ASP E 39 -24.56 8.73 -48.33
C ASP E 39 -25.33 10.05 -48.40
N SER E 40 -24.69 11.16 -48.02
CA SER E 40 -25.37 12.46 -47.97
C SER E 40 -24.53 13.54 -48.65
N GLY E 41 -23.22 13.32 -48.74
CA GLY E 41 -22.30 14.30 -49.30
C GLY E 41 -21.97 15.41 -48.30
N THR E 42 -22.50 15.29 -47.08
CA THR E 42 -22.22 16.25 -46.02
C THR E 42 -20.74 16.17 -45.64
N VAL E 43 -20.10 17.33 -45.54
CA VAL E 43 -18.69 17.43 -45.17
C VAL E 43 -18.61 17.45 -43.65
N LEU E 44 -18.05 16.38 -43.09
CA LEU E 44 -18.05 16.18 -41.64
C LEU E 44 -16.92 16.98 -41.01
N PHE E 45 -15.82 17.16 -41.76
CA PHE E 45 -14.62 17.76 -41.20
C PHE E 45 -13.67 18.14 -42.34
N GLU E 46 -12.97 19.27 -42.17
CA GLU E 46 -11.95 19.70 -43.11
C GLU E 46 -10.92 20.55 -42.37
N ILE E 47 -9.63 20.35 -42.69
CA ILE E 47 -8.57 21.22 -42.22
C ILE E 47 -7.56 21.45 -43.34
N LYS E 48 -7.19 22.72 -43.52
CA LYS E 48 -6.23 23.13 -44.55
C LYS E 48 -5.06 23.81 -43.86
N LYS E 49 -3.90 23.83 -44.53
CA LYS E 49 -2.75 24.61 -44.06
C LYS E 49 -2.47 25.70 -45.07
N ASN E 66 6.13 18.12 -34.32
CA ASN E 66 5.27 17.31 -33.41
C ASN E 66 3.83 17.83 -33.46
N ALA E 67 3.69 19.13 -33.73
CA ALA E 67 2.41 19.70 -34.14
C ALA E 67 1.80 18.86 -35.25
N GLY E 68 0.54 18.45 -35.06
CA GLY E 68 -0.23 17.81 -36.10
C GLY E 68 -0.01 16.30 -36.14
N ARG E 69 0.75 15.77 -35.15
CA ARG E 69 0.87 14.33 -35.00
C ARG E 69 -0.31 13.78 -34.21
N PHE E 70 -0.95 14.65 -33.41
CA PHE E 70 -2.11 14.23 -32.63
C PHE E 70 -3.27 15.14 -32.96
N VAL E 71 -4.43 14.53 -33.25
CA VAL E 71 -5.65 15.29 -33.44
C VAL E 71 -6.73 14.70 -32.54
N ARG E 72 -7.49 15.59 -31.89
CA ARG E 72 -8.63 15.20 -31.08
C ARG E 72 -9.89 15.67 -31.79
N TYR E 73 -10.80 14.72 -32.05
CA TYR E 73 -11.99 14.98 -32.84
C TYR E 73 -13.20 15.05 -31.90
N GLN E 74 -14.07 16.04 -32.15
CA GLN E 74 -15.37 16.11 -31.52
C GLN E 74 -16.44 15.88 -32.59
N PHE E 75 -17.08 14.72 -32.53
CA PHE E 75 -18.15 14.38 -33.45
C PHE E 75 -19.46 14.25 -32.67
N THR E 76 -20.51 13.90 -33.41
CA THR E 76 -21.84 13.75 -32.84
C THR E 76 -22.18 12.26 -32.77
N PRO E 77 -23.22 11.88 -31.99
CA PRO E 77 -23.69 10.50 -31.96
C PRO E 77 -24.00 9.93 -33.35
N ALA E 78 -24.46 10.80 -34.25
CA ALA E 78 -24.93 10.37 -35.57
C ALA E 78 -23.76 9.84 -36.41
N PHE E 79 -22.54 10.29 -36.07
CA PHE E 79 -21.35 9.82 -36.75
C PHE E 79 -21.28 8.29 -36.68
N LEU E 80 -21.74 7.74 -35.55
CA LEU E 80 -21.59 6.31 -35.29
C LEU E 80 -22.61 5.51 -36.10
N ARG E 81 -23.52 6.21 -36.81
CA ARG E 81 -24.53 5.55 -37.63
C ARG E 81 -24.14 5.60 -39.12
N LEU E 82 -22.98 6.20 -39.42
CA LEU E 82 -22.49 6.29 -40.78
C LEU E 82 -22.15 4.89 -41.29
N ARG E 83 -22.31 4.68 -42.59
CA ARG E 83 -22.00 3.42 -43.23
C ARG E 83 -20.62 3.51 -43.90
N GLN E 84 -20.39 4.64 -44.59
CA GLN E 84 -19.22 4.79 -45.44
C GLN E 84 -18.84 6.26 -45.53
N VAL E 85 -17.56 6.56 -45.24
CA VAL E 85 -17.08 7.93 -45.31
C VAL E 85 -15.92 7.99 -46.30
N GLY E 86 -15.85 9.10 -47.03
CA GLY E 86 -14.74 9.33 -47.94
C GLY E 86 -13.79 10.38 -47.38
N ALA E 87 -12.51 10.03 -47.33
CA ALA E 87 -11.48 10.96 -46.93
C ALA E 87 -10.70 11.43 -48.15
N THR E 88 -10.50 12.74 -48.26
CA THR E 88 -9.59 13.30 -49.24
C THR E 88 -8.38 13.88 -48.51
N VAL E 89 -7.20 13.50 -48.99
CA VAL E 89 -5.96 13.96 -48.41
C VAL E 89 -5.13 14.58 -49.53
N GLU E 90 -4.57 15.77 -49.25
CA GLU E 90 -3.59 16.40 -50.12
C GLU E 90 -2.27 16.43 -49.39
N PHE E 91 -1.18 16.13 -50.10
CA PHE E 91 0.13 16.09 -49.50
C PHE E 91 1.19 16.43 -50.53
N THR E 92 2.23 17.14 -50.08
CA THR E 92 3.41 17.38 -50.88
C THR E 92 4.44 16.30 -50.58
N VAL E 93 5.37 16.10 -51.52
N VAL E 93 5.38 16.12 -51.51
CA VAL E 93 6.47 15.18 -51.31
CA VAL E 93 6.46 15.18 -51.36
C VAL E 93 7.76 15.88 -51.72
C VAL E 93 7.77 15.89 -51.71
N GLY E 94 8.88 15.44 -51.13
CA GLY E 94 10.19 15.95 -51.46
C GLY E 94 10.67 15.46 -52.83
N ASP E 95 12.00 15.50 -53.03
CA ASP E 95 12.59 15.33 -54.35
C ASP E 95 12.96 13.87 -54.58
N LYS E 96 13.01 13.08 -53.49
CA LYS E 96 13.19 11.64 -53.59
C LYS E 96 11.89 11.00 -54.06
N PRO E 97 11.94 10.11 -55.08
CA PRO E 97 10.79 9.27 -55.42
C PRO E 97 10.22 8.55 -54.20
N VAL E 98 8.89 8.46 -54.17
CA VAL E 98 8.18 7.74 -53.13
C VAL E 98 7.44 6.56 -53.76
N ASN E 99 7.88 5.34 -53.41
CA ASN E 99 7.27 4.13 -53.93
C ASN E 99 6.61 3.37 -52.79
N ASN E 100 5.43 2.79 -53.08
CA ASN E 100 4.78 1.86 -52.15
C ASN E 100 4.41 2.63 -50.87
N PHE E 101 3.81 3.81 -51.04
CA PHE E 101 3.32 4.60 -49.94
C PHE E 101 2.00 4.01 -49.44
N ARG E 102 1.97 3.65 -48.16
CA ARG E 102 0.91 2.80 -47.61
C ARG E 102 0.56 3.27 -46.18
N MET E 103 -0.74 3.33 -45.88
CA MET E 103 -1.19 3.68 -44.54
C MET E 103 -1.98 2.51 -43.94
N ILE E 104 -1.59 2.12 -42.73
CA ILE E 104 -2.40 1.21 -41.92
C ILE E 104 -2.89 1.96 -40.69
N GLU E 105 -4.22 2.02 -40.54
CA GLU E 105 -4.84 2.87 -39.54
C GLU E 105 -5.79 2.02 -38.70
N ARG E 106 -5.52 1.94 -37.40
CA ARG E 106 -6.20 1.02 -36.52
C ARG E 106 -6.98 1.81 -35.46
N HIS E 107 -8.29 1.56 -35.38
CA HIS E 107 -9.17 2.22 -34.43
C HIS E 107 -9.53 1.25 -33.30
N TYR E 108 -9.44 1.73 -32.05
CA TYR E 108 -9.73 0.90 -30.87
C TYR E 108 -10.69 1.64 -29.94
N PHE E 109 -11.63 0.90 -29.33
CA PHE E 109 -12.41 1.44 -28.21
C PHE E 109 -12.07 0.68 -26.93
N ARG E 110 -11.55 1.39 -25.93
CA ARG E 110 -11.16 0.80 -24.66
C ARG E 110 -10.26 -0.41 -24.92
N ASN E 111 -9.34 -0.26 -25.89
CA ASN E 111 -8.31 -1.25 -26.17
C ASN E 111 -8.94 -2.52 -26.73
N GLN E 112 -10.12 -2.39 -27.37
CA GLN E 112 -10.64 -3.42 -28.25
C GLN E 112 -10.60 -2.89 -29.68
N LEU E 113 -9.99 -3.65 -30.58
CA LEU E 113 -9.90 -3.28 -31.99
C LEU E 113 -11.31 -3.17 -32.57
N LEU E 114 -11.62 -2.01 -33.18
CA LEU E 114 -12.86 -1.82 -33.90
C LEU E 114 -12.66 -2.20 -35.36
N LYS E 115 -11.64 -1.60 -35.99
CA LYS E 115 -11.36 -1.84 -37.39
C LYS E 115 -9.97 -1.34 -37.74
N SER E 116 -9.32 -2.05 -38.66
CA SER E 116 -8.06 -1.64 -39.24
C SER E 116 -8.26 -1.40 -40.74
N PHE E 117 -7.73 -0.26 -41.23
CA PHE E 117 -7.83 0.09 -42.62
C PHE E 117 -6.44 0.05 -43.24
N ASP E 118 -6.37 -0.50 -44.46
CA ASP E 118 -5.10 -0.68 -45.16
C ASP E 118 -5.22 -0.06 -46.53
N PHE E 119 -4.65 1.15 -46.69
CA PHE E 119 -4.78 1.92 -47.92
C PHE E 119 -3.41 2.02 -48.58
N HIS E 120 -3.37 1.72 -49.88
CA HIS E 120 -2.19 1.94 -50.70
C HIS E 120 -2.45 3.17 -51.53
N PHE E 121 -1.55 4.17 -51.40
CA PHE E 121 -1.63 5.36 -52.19
C PHE E 121 -1.33 4.99 -53.65
N GLY E 122 -1.89 5.77 -54.56
CA GLY E 122 -1.50 5.71 -55.96
C GLY E 122 -0.10 6.26 -56.16
N PHE E 123 0.24 6.53 -57.42
CA PHE E 123 1.57 7.00 -57.77
C PHE E 123 1.78 8.41 -57.20
N CYS E 124 2.91 8.63 -56.53
CA CYS E 124 3.23 9.91 -55.93
C CYS E 124 4.27 10.63 -56.79
N ILE E 125 3.91 11.80 -57.32
CA ILE E 125 4.81 12.62 -58.09
C ILE E 125 5.76 13.34 -57.12
N PRO E 126 7.10 13.16 -57.25
CA PRO E 126 8.06 13.93 -56.46
C PRO E 126 7.90 15.45 -56.62
N SER E 127 8.26 16.19 -55.56
CA SER E 127 8.41 17.65 -55.63
C SER E 127 7.10 18.29 -56.07
N SER E 128 5.97 17.73 -55.63
CA SER E 128 4.67 18.20 -56.10
C SER E 128 3.57 17.86 -55.08
N LYS E 129 2.41 18.47 -55.28
CA LYS E 129 1.24 18.22 -54.46
C LYS E 129 0.48 17.04 -55.03
N ASN E 130 0.15 16.05 -54.18
CA ASN E 130 -0.59 14.87 -54.59
C ASN E 130 -1.96 14.87 -53.90
N THR E 131 -2.92 14.13 -54.49
CA THR E 131 -4.25 13.95 -53.91
C THR E 131 -4.59 12.46 -53.89
N CYS E 132 -5.27 12.04 -52.82
CA CYS E 132 -5.74 10.68 -52.69
C CYS E 132 -7.10 10.66 -52.00
N GLU E 133 -7.99 9.74 -52.42
CA GLU E 133 -9.24 9.49 -51.72
C GLU E 133 -9.27 8.06 -51.16
N HIS E 134 -9.47 7.97 -49.84
CA HIS E 134 -9.61 6.72 -49.12
C HIS E 134 -11.07 6.53 -48.69
N ILE E 135 -11.59 5.33 -48.93
CA ILE E 135 -12.95 4.96 -48.55
C ILE E 135 -12.87 4.12 -47.28
N TYR E 136 -13.50 4.61 -46.21
CA TYR E 136 -13.67 3.83 -45.00
C TYR E 136 -15.08 3.23 -44.99
N ASP E 137 -15.15 1.89 -44.95
CA ASP E 137 -16.40 1.20 -44.65
C ASP E 137 -16.46 0.94 -43.16
N PHE E 138 -17.51 1.46 -42.51
CA PHE E 138 -17.65 1.35 -41.08
C PHE E 138 -17.89 -0.11 -40.71
N PRO E 139 -17.31 -0.60 -39.59
CA PRO E 139 -17.70 -1.88 -39.04
C PRO E 139 -19.12 -1.82 -38.48
N PRO E 140 -19.88 -2.93 -38.49
CA PRO E 140 -21.15 -2.98 -37.77
C PRO E 140 -20.98 -2.72 -36.28
N LEU E 141 -21.76 -1.78 -35.74
CA LEU E 141 -21.69 -1.45 -34.32
C LEU E 141 -23.01 -1.81 -33.66
N SER E 142 -22.92 -2.62 -32.61
CA SER E 142 -24.07 -2.94 -31.78
C SER E 142 -24.57 -1.66 -31.10
N GLU E 143 -25.85 -1.67 -30.72
CA GLU E 143 -26.45 -0.57 -29.98
C GLU E 143 -25.70 -0.36 -28.65
N GLU E 144 -25.28 -1.46 -28.02
CA GLU E 144 -24.56 -1.40 -26.76
C GLU E 144 -23.24 -0.64 -26.94
N LEU E 145 -22.55 -0.94 -28.04
CA LEU E 145 -21.24 -0.37 -28.29
C LEU E 145 -21.39 1.13 -28.61
N ILE E 146 -22.39 1.46 -29.42
CA ILE E 146 -22.66 2.84 -29.78
C ILE E 146 -22.89 3.64 -28.50
N SER E 147 -23.74 3.10 -27.61
CA SER E 147 -24.07 3.76 -26.37
C SER E 147 -22.81 4.00 -25.53
N GLU E 148 -21.95 2.98 -25.47
CA GLU E 148 -20.74 3.05 -24.65
C GLU E 148 -19.77 4.08 -25.24
N MET E 149 -19.69 4.13 -26.56
CA MET E 149 -18.74 5.00 -27.23
C MET E 149 -19.15 6.46 -27.01
N ILE E 150 -20.46 6.71 -27.03
CA ILE E 150 -21.00 8.03 -26.76
C ILE E 150 -20.68 8.42 -25.30
N ARG E 151 -20.77 7.45 -24.40
CA ARG E 151 -20.68 7.71 -22.97
C ARG E 151 -19.21 7.90 -22.56
N HIS E 152 -18.27 7.44 -23.40
CA HIS E 152 -16.88 7.35 -23.01
C HIS E 152 -16.00 8.13 -24.01
N PRO E 153 -16.09 9.48 -24.03
CA PRO E 153 -15.32 10.27 -24.97
C PRO E 153 -13.81 10.05 -24.83
N TYR E 154 -13.12 10.00 -25.99
CA TYR E 154 -11.66 10.01 -26.05
C TYR E 154 -11.09 8.64 -25.69
N GLU E 155 -11.96 7.66 -25.46
CA GLU E 155 -11.51 6.30 -25.22
C GLU E 155 -11.62 5.48 -26.52
N THR E 156 -12.20 6.07 -27.56
CA THR E 156 -11.96 5.67 -28.92
C THR E 156 -10.69 6.35 -29.41
N GLN E 157 -9.70 5.56 -29.86
CA GLN E 157 -8.39 6.07 -30.24
C GLN E 157 -7.91 5.37 -31.53
N SER E 158 -7.09 6.07 -32.33
CA SER E 158 -6.56 5.50 -33.57
C SER E 158 -5.05 5.77 -33.68
N ASP E 159 -4.35 4.78 -34.28
CA ASP E 159 -2.98 4.95 -34.74
C ASP E 159 -2.96 4.92 -36.26
N SER E 160 -2.30 5.91 -36.86
CA SER E 160 -2.10 5.93 -38.30
C SER E 160 -0.62 5.70 -38.62
N PHE E 161 -0.32 4.51 -39.17
CA PHE E 161 1.05 4.13 -39.50
C PHE E 161 1.27 4.29 -41.01
N TYR E 162 2.32 5.04 -41.38
CA TYR E 162 2.61 5.32 -42.77
C TYR E 162 3.93 4.69 -43.17
N PHE E 163 3.92 3.91 -44.27
CA PHE E 163 5.08 3.17 -44.71
C PHE E 163 5.49 3.62 -46.11
N VAL E 164 6.80 3.64 -46.36
CA VAL E 164 7.35 3.70 -47.71
C VAL E 164 8.35 2.55 -47.88
N ASP E 165 8.16 1.77 -48.93
CA ASP E 165 8.97 0.58 -49.17
C ASP E 165 9.04 -0.26 -47.89
N ASP E 166 7.89 -0.43 -47.23
CA ASP E 166 7.75 -1.36 -46.11
C ASP E 166 8.47 -0.83 -44.87
N ARG E 167 8.85 0.46 -44.87
CA ARG E 167 9.53 1.06 -43.74
C ARG E 167 8.66 2.19 -43.17
N LEU E 168 8.43 2.16 -41.84
CA LEU E 168 7.64 3.16 -41.15
C LEU E 168 8.35 4.50 -41.22
N VAL E 169 7.63 5.55 -41.68
CA VAL E 169 8.23 6.85 -41.90
C VAL E 169 7.40 7.95 -41.20
N MET E 170 6.13 7.66 -40.89
CA MET E 170 5.30 8.58 -40.12
C MET E 170 4.34 7.78 -39.23
N HIS E 171 3.96 8.39 -38.10
CA HIS E 171 2.99 7.80 -37.18
C HIS E 171 2.20 8.92 -36.53
N ASN E 172 0.90 8.96 -36.81
CA ASN E 172 0.00 9.95 -36.27
C ASN E 172 -1.03 9.27 -35.36
N LYS E 173 -1.52 10.03 -34.36
CA LYS E 173 -2.48 9.51 -33.40
C LYS E 173 -3.69 10.42 -33.37
N ALA E 174 -4.81 9.88 -32.90
CA ALA E 174 -6.02 10.64 -32.72
C ALA E 174 -6.89 10.00 -31.65
N ASP E 175 -7.80 10.77 -31.06
CA ASP E 175 -8.89 10.20 -30.28
C ASP E 175 -10.18 10.97 -30.59
N TYR E 176 -11.30 10.43 -30.13
CA TYR E 176 -12.60 10.76 -30.69
C TYR E 176 -13.61 10.88 -29.54
N SER E 177 -14.37 11.98 -29.55
CA SER E 177 -15.61 12.09 -28.81
C SER E 177 -16.80 12.01 -29.76
N TYR E 178 -17.87 11.35 -29.32
CA TYR E 178 -19.12 11.30 -30.08
C TYR E 178 -20.25 11.92 -29.25
N SER E 179 -19.88 12.87 -28.38
CA SER E 179 -20.80 13.88 -27.87
C SER E 179 -20.94 15.01 -28.91
N ILE F 2 12.23 28.40 41.17
CA ILE F 2 13.25 29.11 42.02
C ILE F 2 12.79 29.09 43.47
N GLY F 3 11.57 29.57 43.72
CA GLY F 3 11.00 29.60 45.07
C GLY F 3 9.72 28.78 45.16
N PRO F 4 9.21 28.51 46.40
CA PRO F 4 8.02 27.70 46.59
C PRO F 4 6.84 28.10 45.71
N GLU F 5 6.64 29.41 45.55
CA GLU F 5 5.48 29.93 44.85
C GLU F 5 5.55 29.55 43.38
N ASP F 6 6.76 29.20 42.90
CA ASP F 6 6.97 28.88 41.50
C ASP F 6 6.54 27.44 41.20
N VAL F 7 6.44 26.60 42.24
CA VAL F 7 6.13 25.19 42.05
C VAL F 7 4.70 24.90 42.55
N LEU F 8 4.19 25.77 43.43
CA LEU F 8 2.94 25.53 44.13
C LEU F 8 1.75 25.62 43.16
N GLY F 9 1.98 26.13 41.95
CA GLY F 9 0.93 26.27 40.96
C GLY F 9 1.14 25.39 39.72
N LEU F 10 2.12 24.49 39.78
CA LEU F 10 2.46 23.65 38.63
C LEU F 10 1.33 22.65 38.39
N GLN F 11 0.96 22.46 37.12
CA GLN F 11 -0.22 21.67 36.76
C GLN F 11 0.22 20.34 36.12
N ARG F 12 1.53 20.19 35.88
CA ARG F 12 2.08 18.98 35.30
C ARG F 12 3.50 18.74 35.81
N ILE F 13 3.98 17.51 35.63
CA ILE F 13 5.36 17.15 35.91
C ILE F 13 6.27 18.00 35.02
N THR F 14 7.43 18.39 35.56
CA THR F 14 8.37 19.22 34.80
C THR F 14 9.07 18.35 33.76
N GLY F 15 9.47 18.98 32.65
CA GLY F 15 10.10 18.29 31.54
C GLY F 15 11.58 18.02 31.82
N ASP F 16 12.13 18.74 32.83
CA ASP F 16 13.53 18.58 33.21
C ASP F 16 13.67 18.92 34.70
N TYR F 17 14.83 18.59 35.26
CA TYR F 17 15.19 19.04 36.61
C TYR F 17 15.31 20.56 36.61
N LEU F 18 14.84 21.19 37.69
CA LEU F 18 14.75 22.65 37.79
C LEU F 18 16.02 23.20 38.44
N CYS F 19 16.89 22.31 38.89
CA CYS F 19 18.17 22.69 39.45
C CYS F 19 19.18 21.57 39.21
N SER F 20 20.47 21.89 39.30
CA SER F 20 21.53 20.91 39.12
C SER F 20 21.93 20.34 40.47
N PRO F 21 22.66 19.19 40.51
CA PRO F 21 23.20 18.66 41.75
C PRO F 21 24.07 19.67 42.52
N GLU F 22 24.73 20.56 41.79
CA GLU F 22 25.74 21.45 42.34
C GLU F 22 25.09 22.45 43.29
N GLU F 23 23.78 22.70 43.09
CA GLU F 23 23.07 23.73 43.82
C GLU F 23 22.75 23.25 45.23
N ASN F 24 23.02 21.96 45.49
CA ASN F 24 22.90 21.39 46.83
C ASN F 24 24.12 21.76 47.67
N ILE F 25 24.29 23.07 47.94
CA ILE F 25 25.48 23.58 48.58
C ILE F 25 25.50 23.17 50.05
N TYR F 26 24.34 22.72 50.56
CA TYR F 26 24.21 22.34 51.97
C TYR F 26 24.55 20.85 52.13
N LYS F 27 24.81 20.18 51.00
CA LYS F 27 25.30 18.79 51.00
C LYS F 27 24.31 17.90 51.75
N ILE F 28 23.02 18.10 51.46
CA ILE F 28 21.96 17.26 52.02
C ILE F 28 21.93 15.93 51.27
N ASP F 29 21.95 14.84 52.03
CA ASP F 29 22.02 13.50 51.47
C ASP F 29 21.09 12.58 52.26
N PHE F 30 20.02 12.10 51.60
CA PHE F 30 19.08 11.16 52.21
C PHE F 30 19.70 9.78 52.27
N VAL F 31 19.67 9.17 53.46
CA VAL F 31 20.33 7.89 53.68
C VAL F 31 19.32 6.83 54.12
N ARG F 32 18.09 7.25 54.44
CA ARG F 32 17.04 6.30 54.81
C ARG F 32 15.65 6.90 54.54
N PHE F 33 14.74 6.06 54.05
CA PHE F 33 13.34 6.42 53.85
C PHE F 33 12.47 5.22 54.20
N LYS F 34 11.46 5.44 55.03
CA LYS F 34 10.55 4.39 55.46
C LYS F 34 9.12 4.93 55.52
N ILE F 35 8.17 4.15 54.95
CA ILE F 35 6.76 4.43 55.04
C ILE F 35 6.06 3.27 55.75
N ARG F 36 5.19 3.58 56.72
CA ARG F 36 4.38 2.56 57.36
C ARG F 36 2.91 2.99 57.37
N ASP F 37 2.03 1.99 57.35
CA ASP F 37 0.59 2.21 57.45
C ASP F 37 0.21 2.33 58.93
N MET F 38 -0.41 3.46 59.29
CA MET F 38 -0.64 3.77 60.70
C MET F 38 -1.80 2.95 61.25
N ASP F 39 -2.52 2.23 60.37
CA ASP F 39 -3.70 1.49 60.78
C ASP F 39 -3.36 0.01 60.96
N SER F 40 -2.18 -0.42 60.48
CA SER F 40 -1.80 -1.82 60.54
C SER F 40 -0.40 -2.00 61.10
N GLY F 41 0.42 -0.93 61.01
CA GLY F 41 1.82 -0.99 61.43
C GLY F 41 2.70 -1.74 60.42
N THR F 42 2.10 -2.10 59.28
CA THR F 42 2.85 -2.72 58.19
C THR F 42 3.83 -1.70 57.62
N VAL F 43 5.07 -2.13 57.42
CA VAL F 43 6.07 -1.34 56.75
C VAL F 43 5.91 -1.52 55.25
N LEU F 44 5.49 -0.45 54.57
CA LEU F 44 5.11 -0.52 53.17
C LEU F 44 6.36 -0.44 52.30
N PHE F 45 7.38 0.27 52.80
CA PHE F 45 8.61 0.46 52.06
C PHE F 45 9.69 0.93 53.01
N GLU F 46 10.91 0.44 52.82
CA GLU F 46 12.07 0.91 53.55
C GLU F 46 13.31 0.71 52.71
N ILE F 47 14.17 1.73 52.68
CA ILE F 47 15.41 1.67 51.93
C ILE F 47 16.50 2.42 52.70
N LYS F 48 17.68 1.80 52.80
CA LYS F 48 18.88 2.43 53.33
C LYS F 48 19.92 2.58 52.22
N LYS F 49 20.91 3.45 52.45
CA LYS F 49 22.07 3.54 51.58
C LYS F 49 23.27 2.75 52.19
N ALA F 67 21.11 11.16 38.22
CA ALA F 67 22.28 10.91 39.10
C ALA F 67 21.78 10.51 40.50
N GLY F 68 20.93 9.47 40.55
CA GLY F 68 20.29 9.05 41.79
C GLY F 68 19.05 9.91 42.12
N ARG F 69 18.65 10.77 41.18
CA ARG F 69 17.60 11.76 41.44
C ARG F 69 16.25 11.23 40.93
N PHE F 70 16.25 10.03 40.33
CA PHE F 70 15.01 9.40 39.91
C PHE F 70 14.85 8.08 40.64
N VAL F 71 13.65 7.87 41.21
CA VAL F 71 13.34 6.67 41.99
C VAL F 71 12.03 6.10 41.45
N ARG F 72 11.96 4.78 41.36
CA ARG F 72 10.78 4.09 40.91
C ARG F 72 10.26 3.20 42.03
N TYR F 73 8.99 3.42 42.42
CA TYR F 73 8.40 2.67 43.53
C TYR F 73 7.44 1.60 43.00
N GLN F 74 7.50 0.41 43.60
CA GLN F 74 6.57 -0.68 43.31
C GLN F 74 5.73 -0.95 44.55
N PHE F 75 4.46 -0.56 44.50
CA PHE F 75 3.53 -0.77 45.61
C PHE F 75 2.40 -1.69 45.16
N THR F 76 1.45 -1.93 46.08
CA THR F 76 0.31 -2.81 45.83
C THR F 76 -0.95 -1.97 45.65
N PRO F 77 -2.03 -2.54 45.07
CA PRO F 77 -3.30 -1.83 44.96
C PRO F 77 -3.79 -1.25 46.30
N ALA F 78 -3.50 -1.97 47.40
CA ALA F 78 -4.04 -1.63 48.71
C ALA F 78 -3.45 -0.30 49.19
N PHE F 79 -2.27 0.06 48.67
CA PHE F 79 -1.63 1.32 49.00
C PHE F 79 -2.60 2.46 48.73
N LEU F 80 -3.40 2.33 47.66
CA LEU F 80 -4.24 3.44 47.20
C LEU F 80 -5.45 3.60 48.13
N ARG F 81 -5.63 2.65 49.06
CA ARG F 81 -6.80 2.67 49.96
C ARG F 81 -6.35 3.08 51.38
N LEU F 82 -5.07 3.49 51.53
CA LEU F 82 -4.55 3.89 52.83
C LEU F 82 -5.28 5.13 53.32
N ARG F 83 -5.39 5.26 54.64
CA ARG F 83 -5.96 6.44 55.27
C ARG F 83 -4.84 7.38 55.72
N GLN F 84 -3.84 6.83 56.40
CA GLN F 84 -2.84 7.62 57.10
C GLN F 84 -1.52 6.86 57.16
N VAL F 85 -0.44 7.53 56.77
CA VAL F 85 0.86 6.90 56.65
C VAL F 85 1.85 7.68 57.50
N GLY F 86 2.79 6.96 58.11
CA GLY F 86 3.94 7.57 58.76
C GLY F 86 5.20 7.45 57.90
N ALA F 87 5.83 8.58 57.62
CA ALA F 87 7.04 8.60 56.81
C ALA F 87 8.22 9.02 57.68
N THR F 88 9.31 8.25 57.60
CA THR F 88 10.55 8.59 58.27
C THR F 88 11.64 8.82 57.23
N VAL F 89 12.36 9.94 57.36
CA VAL F 89 13.51 10.22 56.52
C VAL F 89 14.73 10.47 57.42
N GLU F 90 15.86 9.86 57.06
CA GLU F 90 17.15 10.22 57.64
C GLU F 90 18.03 10.85 56.57
N PHE F 91 18.78 11.89 56.95
CA PHE F 91 19.64 12.61 56.02
C PHE F 91 20.81 13.24 56.77
N THR F 92 21.97 13.28 56.11
CA THR F 92 23.13 14.00 56.62
C THR F 92 23.15 15.40 56.02
N VAL F 93 23.85 16.32 56.69
CA VAL F 93 23.97 17.70 56.27
C VAL F 93 25.43 18.12 56.37
N GLY F 94 25.83 19.10 55.55
CA GLY F 94 27.18 19.67 55.60
C GLY F 94 27.33 20.60 56.80
N ASP F 95 28.31 21.53 56.73
CA ASP F 95 28.68 22.31 57.91
C ASP F 95 27.97 23.67 57.88
N LYS F 96 27.35 24.00 56.76
CA LYS F 96 26.61 25.25 56.63
C LYS F 96 25.26 25.12 57.34
N PRO F 97 24.87 26.11 58.18
CA PRO F 97 23.52 26.18 58.71
C PRO F 97 22.44 26.04 57.64
N VAL F 98 21.37 25.31 57.97
CA VAL F 98 20.21 25.20 57.12
C VAL F 98 19.01 25.80 57.84
N ASN F 99 18.47 26.89 57.28
CA ASN F 99 17.25 27.49 57.79
C ASN F 99 16.07 27.13 56.86
N ASN F 100 14.97 26.68 57.48
CA ASN F 100 13.70 26.51 56.80
C ASN F 100 13.84 25.49 55.66
N PHE F 101 14.36 24.31 56.00
CA PHE F 101 14.43 23.19 55.07
C PHE F 101 13.01 22.60 54.87
N ARG F 102 12.56 22.61 53.62
CA ARG F 102 11.17 22.41 53.27
C ARG F 102 11.08 21.64 51.95
N MET F 103 10.16 20.68 51.88
CA MET F 103 9.91 19.93 50.67
C MET F 103 8.48 20.16 50.21
N ILE F 104 8.33 20.48 48.93
CA ILE F 104 7.04 20.41 48.25
C ILE F 104 7.09 19.30 47.21
N GLU F 105 6.19 18.32 47.37
CA GLU F 105 6.15 17.16 46.51
C GLU F 105 4.79 17.06 45.83
N ARG F 106 4.80 17.10 44.49
CA ARG F 106 3.56 17.15 43.73
C ARG F 106 3.39 15.86 42.92
N HIS F 107 2.24 15.19 43.14
CA HIS F 107 1.93 13.94 42.48
C HIS F 107 0.89 14.18 41.41
N TYR F 108 1.15 13.61 40.21
CA TYR F 108 0.27 13.72 39.08
C TYR F 108 -0.03 12.33 38.56
N PHE F 109 -1.30 12.10 38.15
CA PHE F 109 -1.63 10.96 37.32
C PHE F 109 -1.98 11.43 35.90
N ARG F 110 -1.17 10.98 34.93
CA ARG F 110 -1.33 11.40 33.54
C ARG F 110 -1.46 12.93 33.48
N ASN F 111 -0.61 13.62 34.27
CA ASN F 111 -0.47 15.06 34.21
C ASN F 111 -1.76 15.75 34.71
N GLN F 112 -2.52 15.05 35.55
CA GLN F 112 -3.53 15.68 36.39
C GLN F 112 -3.05 15.64 37.83
N LEU F 113 -3.03 16.82 38.48
CA LEU F 113 -2.57 16.94 39.86
C LEU F 113 -3.47 16.11 40.77
N LEU F 114 -2.86 15.21 41.55
CA LEU F 114 -3.55 14.44 42.57
C LEU F 114 -3.46 15.17 43.90
N LYS F 115 -2.24 15.50 44.30
CA LYS F 115 -1.98 16.00 45.62
C LYS F 115 -0.61 16.66 45.66
N SER F 116 -0.52 17.73 46.45
CA SER F 116 0.74 18.38 46.76
C SER F 116 0.99 18.26 48.26
N PHE F 117 2.20 17.82 48.64
CA PHE F 117 2.56 17.66 50.03
C PHE F 117 3.60 18.71 50.40
N ASP F 118 3.43 19.30 51.58
CA ASP F 118 4.25 20.41 52.03
C ASP F 118 4.79 20.09 53.40
N PHE F 119 6.06 19.65 53.45
CA PHE F 119 6.67 19.19 54.69
C PHE F 119 7.81 20.12 55.08
N HIS F 120 7.84 20.53 56.34
CA HIS F 120 9.03 21.17 56.93
C HIS F 120 9.79 20.16 57.77
N PHE F 121 11.14 20.19 57.67
CA PHE F 121 11.96 19.19 58.36
C PHE F 121 12.54 19.75 59.67
N GLY F 122 12.21 20.99 60.00
CA GLY F 122 12.61 21.59 61.27
C GLY F 122 14.12 21.80 61.29
N PHE F 123 14.68 21.94 62.50
CA PHE F 123 16.06 22.37 62.64
C PHE F 123 16.98 21.23 62.23
N CYS F 124 17.95 21.54 61.37
CA CYS F 124 18.91 20.55 60.89
C CYS F 124 20.26 20.77 61.59
N ILE F 125 20.71 19.73 62.32
CA ILE F 125 22.00 19.75 62.99
C ILE F 125 23.11 19.63 61.94
N PRO F 126 24.01 20.63 61.82
CA PRO F 126 25.11 20.56 60.88
C PRO F 126 26.02 19.35 61.09
N SER F 127 26.61 18.87 59.98
CA SER F 127 27.70 17.92 60.02
C SER F 127 27.27 16.64 60.75
N SER F 128 26.00 16.24 60.59
CA SER F 128 25.46 15.12 61.35
C SER F 128 24.23 14.54 60.63
N LYS F 129 23.79 13.36 61.13
CA LYS F 129 22.61 12.69 60.64
C LYS F 129 21.37 13.25 61.34
N ASN F 130 20.36 13.61 60.53
CA ASN F 130 19.09 14.10 61.07
C ASN F 130 17.99 13.08 60.77
N THR F 131 16.97 13.07 61.63
CA THR F 131 15.81 12.19 61.45
C THR F 131 14.54 13.01 61.58
N CYS F 132 13.57 12.74 60.69
CA CYS F 132 12.32 13.47 60.70
C CYS F 132 11.18 12.53 60.34
N GLU F 133 10.08 12.62 61.10
CA GLU F 133 8.89 11.83 60.86
C GLU F 133 7.71 12.77 60.58
N HIS F 134 7.02 12.52 59.46
CA HIS F 134 5.73 13.14 59.21
C HIS F 134 4.65 12.06 59.20
N ILE F 135 3.60 12.28 59.99
CA ILE F 135 2.37 11.52 59.89
C ILE F 135 1.38 12.35 59.09
N TYR F 136 0.90 11.80 57.98
CA TYR F 136 0.07 12.56 57.07
C TYR F 136 -1.07 11.69 56.55
N ASP F 137 -2.11 12.38 56.07
CA ASP F 137 -3.32 11.75 55.60
C ASP F 137 -3.23 11.55 54.09
N PHE F 138 -3.40 10.29 53.66
CA PHE F 138 -3.48 9.95 52.27
C PHE F 138 -4.70 10.61 51.65
N PRO F 139 -4.59 11.21 50.45
CA PRO F 139 -5.72 11.88 49.82
C PRO F 139 -6.79 10.91 49.37
N PRO F 140 -8.09 11.25 49.55
CA PRO F 140 -9.16 10.46 49.00
C PRO F 140 -9.10 10.39 47.48
N LEU F 141 -9.18 9.17 46.94
CA LEU F 141 -9.17 8.95 45.51
C LEU F 141 -10.50 8.34 45.09
N SER F 142 -11.05 8.81 43.97
CA SER F 142 -12.25 8.21 43.39
C SER F 142 -11.95 6.77 42.97
N GLU F 143 -13.01 5.95 42.89
CA GLU F 143 -12.88 4.57 42.44
C GLU F 143 -12.31 4.53 41.01
N GLU F 144 -12.74 5.49 40.19
CA GLU F 144 -12.30 5.58 38.79
C GLU F 144 -10.79 5.79 38.75
N LEU F 145 -10.31 6.70 39.61
CA LEU F 145 -8.91 7.09 39.63
C LEU F 145 -8.07 5.91 40.10
N ILE F 146 -8.52 5.26 41.18
CA ILE F 146 -7.83 4.12 41.74
C ILE F 146 -7.65 3.06 40.66
N SER F 147 -8.75 2.76 39.96
CA SER F 147 -8.76 1.74 38.93
C SER F 147 -7.73 2.07 37.85
N GLU F 148 -7.72 3.34 37.43
CA GLU F 148 -6.86 3.77 36.34
C GLU F 148 -5.40 3.71 36.78
N MET F 149 -5.14 4.11 38.03
CA MET F 149 -3.78 4.19 38.54
C MET F 149 -3.19 2.78 38.64
N ILE F 150 -4.02 1.81 39.04
CA ILE F 150 -3.60 0.41 39.10
C ILE F 150 -3.28 -0.08 37.70
N ARG F 151 -4.10 0.33 36.73
CA ARG F 151 -4.03 -0.22 35.38
C ARG F 151 -2.84 0.38 34.63
N HIS F 152 -2.36 1.54 35.09
CA HIS F 152 -1.41 2.34 34.32
C HIS F 152 -0.16 2.60 35.15
N PRO F 153 0.66 1.57 35.42
CA PRO F 153 1.83 1.75 36.26
C PRO F 153 2.79 2.80 35.71
N TYR F 154 3.37 3.59 36.61
CA TYR F 154 4.46 4.50 36.29
C TYR F 154 3.93 5.76 35.62
N GLU F 155 2.61 5.87 35.50
CA GLU F 155 2.00 7.09 34.95
C GLU F 155 1.49 7.97 36.09
N THR F 156 1.57 7.45 37.33
CA THR F 156 1.62 8.30 38.50
C THR F 156 3.08 8.73 38.71
N GLN F 157 3.30 10.05 38.74
CA GLN F 157 4.64 10.62 38.77
C GLN F 157 4.68 11.79 39.76
N SER F 158 5.85 12.00 40.38
CA SER F 158 5.99 13.08 41.35
C SER F 158 7.26 13.87 41.09
N ASP F 159 7.18 15.18 41.37
CA ASP F 159 8.34 16.03 41.53
C ASP F 159 8.52 16.35 43.01
N SER F 160 9.73 16.15 43.52
CA SER F 160 10.08 16.52 44.89
C SER F 160 11.02 17.72 44.88
N PHE F 161 10.49 18.88 45.30
CA PHE F 161 11.24 20.13 45.32
C PHE F 161 11.66 20.44 46.76
N TYR F 162 12.98 20.63 46.96
CA TYR F 162 13.54 20.87 48.28
C TYR F 162 14.09 22.29 48.35
N PHE F 163 13.64 23.05 49.36
CA PHE F 163 14.01 24.45 49.51
C PHE F 163 14.77 24.65 50.82
N VAL F 164 15.75 25.55 50.77
CA VAL F 164 16.34 26.12 51.97
C VAL F 164 16.25 27.65 51.86
N ASP F 165 15.67 28.27 52.89
CA ASP F 165 15.39 29.69 52.89
C ASP F 165 14.77 30.12 51.56
N ASP F 166 13.76 29.36 51.12
CA ASP F 166 12.91 29.75 50.00
C ASP F 166 13.68 29.60 48.68
N ARG F 167 14.83 28.93 48.70
CA ARG F 167 15.63 28.73 47.49
C ARG F 167 15.74 27.22 47.19
N LEU F 168 15.41 26.86 45.93
CA LEU F 168 15.45 25.47 45.48
C LEU F 168 16.90 24.99 45.48
N VAL F 169 17.15 23.84 46.14
CA VAL F 169 18.52 23.32 46.31
C VAL F 169 18.59 21.85 45.89
N MET F 170 17.44 21.16 45.83
CA MET F 170 17.38 19.81 45.28
C MET F 170 16.06 19.59 44.56
N HIS F 171 16.09 18.72 43.54
CA HIS F 171 14.90 18.33 42.81
C HIS F 171 15.01 16.87 42.40
N ASN F 172 14.12 16.03 42.96
CA ASN F 172 14.09 14.61 42.67
C ASN F 172 12.79 14.29 41.96
N LYS F 173 12.83 13.23 41.13
CA LYS F 173 11.66 12.77 40.41
C LYS F 173 11.40 11.32 40.80
N ALA F 174 10.15 10.88 40.64
CA ALA F 174 9.80 9.51 40.94
C ALA F 174 8.57 9.11 40.13
N ASP F 175 8.37 7.80 39.97
CA ASP F 175 7.09 7.29 39.49
C ASP F 175 6.74 6.02 40.26
N TYR F 176 5.49 5.57 40.08
CA TYR F 176 4.84 4.68 41.03
C TYR F 176 4.05 3.64 40.26
N SER F 177 4.27 2.37 40.62
CA SER F 177 3.37 1.29 40.24
C SER F 177 2.54 0.86 41.45
N TYR F 178 1.27 0.55 41.19
CA TYR F 178 0.40 0.00 42.22
C TYR F 178 -0.11 -1.37 41.76
N SER F 179 0.71 -2.08 40.96
CA SER F 179 0.28 -3.31 40.30
C SER F 179 0.68 -4.54 41.12
N GLY F 180 1.43 -4.31 42.21
CA GLY F 180 1.93 -5.40 43.06
C GLY F 180 2.69 -6.46 42.26
#